data_4LS8
#
_entry.id   4LS8
#
_cell.length_a   86.440
_cell.length_b   87.560
_cell.length_c   116.440
_cell.angle_alpha   90.000
_cell.angle_beta   90.000
_cell.angle_gamma   90.000
#
_symmetry.space_group_name_H-M   'P 21 21 21'
#
loop_
_entity.id
_entity.type
_entity.pdbx_description
1 polymer '3-oxoacyl-[acyl-carrier-protein] synthase 2'
2 non-polymer (3R,7E,10E)-3-hydroxy-4-oxododeca-7,10-dienamide
3 non-polymer 'SODIUM ION'
4 non-polymer 'CHLORIDE ION'
5 non-polymer 1,2-ETHANEDIOL
6 water water
#
_entity_poly.entity_id   1
_entity_poly.type   'polypeptide(L)'
_entity_poly.pdbx_seq_one_letter_code
;MRGSHHHHHHGIQMTKKRVVVTGLGALSPLGNDVDTSWNNAINGVSGIGPITRVDAEEYPAKVAAELKDFNVEDYMDKKE
ARKMDRFTQYAVVAAKMAVEDADLNITDEIAPRVGVWVGSGIGGLETLESQFEIFLTKGPRRVSPFFVPMMIPDMATGQI
SIALGAKGVNSCTVTACATGTNSIGDAFKVIQRGDADVMVTGGTEAPLTRMSFAGFSANKALSTNPDPKTASRPFDKNRD
GFVMGEGAGIIVLEELEHALARGAKIYGEIVGYGSTGDAYHITAPAQDGEGGARAMQEAIKDAGIAPEEIDYINAHGTST
YYNDKYETMAIKTVFGEHAHKLAVSSTKSMTGHLLGAAGGIEAIFSILAIKEGVIPPTINIQTPDEECDLDYVPDEARRQ
ELNYVLSNSLGFGGHNATLIFKKYQS
;
_entity_poly.pdbx_strand_id   A,B
#
loop_
_chem_comp.id
_chem_comp.type
_chem_comp.name
_chem_comp.formula
1XG non-polymer (3R,7E,10E)-3-hydroxy-4-oxododeca-7,10-dienamide 'C12 H19 N O3'
CL non-polymer 'CHLORIDE ION' 'Cl -1'
EDO non-polymer 1,2-ETHANEDIOL 'C2 H6 O2'
NA non-polymer 'SODIUM ION' 'Na 1'
#
# COMPACT_ATOMS: atom_id res chain seq x y z
N GLY A 11 -21.08 16.04 -19.48
CA GLY A 11 -19.83 16.79 -19.46
C GLY A 11 -19.03 16.68 -18.17
N ILE A 12 -17.68 16.70 -18.28
CA ILE A 12 -16.78 16.60 -17.13
C ILE A 12 -15.54 17.52 -17.19
N GLN A 13 -15.06 17.97 -16.01
CA GLN A 13 -13.86 18.80 -15.81
C GLN A 13 -12.63 18.07 -16.39
N MET A 14 -11.58 18.82 -16.82
CA MET A 14 -10.41 18.19 -17.43
C MET A 14 -9.04 18.86 -17.24
N THR A 15 -8.99 19.99 -16.53
CA THR A 15 -7.71 20.65 -16.30
C THR A 15 -7.01 19.99 -15.10
N LYS A 16 -5.68 19.76 -15.22
N LYS A 16 -5.69 19.66 -15.22
CA LYS A 16 -4.83 19.20 -14.16
CA LYS A 16 -4.97 19.06 -14.10
C LYS A 16 -4.71 20.27 -13.08
C LYS A 16 -4.62 20.14 -13.09
N LYS A 17 -4.96 19.90 -11.81
CA LYS A 17 -4.78 20.88 -10.74
C LYS A 17 -3.33 20.99 -10.37
N ARG A 18 -2.90 22.20 -9.97
CA ARG A 18 -1.54 22.45 -9.48
C ARG A 18 -1.52 22.09 -8.00
N VAL A 19 -0.45 21.45 -7.56
CA VAL A 19 -0.34 20.91 -6.21
C VAL A 19 0.86 21.49 -5.47
N VAL A 20 0.58 22.15 -4.36
CA VAL A 20 1.61 22.82 -3.55
C VAL A 20 1.77 22.19 -2.19
N VAL A 21 2.95 22.38 -1.60
CA VAL A 21 3.28 21.88 -0.26
C VAL A 21 3.00 23.02 0.70
N THR A 22 2.05 22.81 1.63
CA THR A 22 1.62 23.87 2.56
C THR A 22 1.95 23.61 4.03
N GLY A 23 2.46 22.42 4.34
CA GLY A 23 2.82 22.07 5.71
C GLY A 23 3.77 20.90 5.77
N LEU A 24 4.62 20.88 6.82
CA LEU A 24 5.63 19.83 7.03
C LEU A 24 5.61 19.42 8.48
N GLY A 25 5.77 18.12 8.73
CA GLY A 25 5.82 17.58 10.08
C GLY A 25 6.78 16.40 10.09
N ALA A 26 7.64 16.29 11.13
CA ALA A 26 8.61 15.19 11.13
C ALA A 26 9.14 14.80 12.48
N LEU A 27 9.47 13.51 12.62
CA LEU A 27 10.19 12.94 13.75
C LEU A 27 11.34 12.18 13.08
N SER A 28 12.58 12.52 13.43
CA SER A 28 13.72 11.82 12.83
C SER A 28 14.86 11.68 13.85
N PRO A 29 15.87 10.84 13.58
CA PRO A 29 17.03 10.75 14.49
C PRO A 29 17.80 12.07 14.65
N LEU A 30 17.44 13.11 13.85
CA LEU A 30 18.04 14.44 13.88
C LEU A 30 17.21 15.48 14.63
N GLY A 31 16.02 15.09 15.08
CA GLY A 31 15.16 16.00 15.83
C GLY A 31 13.69 15.59 15.84
N ASN A 32 12.98 16.00 16.89
CA ASN A 32 11.56 15.70 17.08
C ASN A 32 10.61 16.71 16.43
N ASP A 33 11.13 17.48 15.46
CA ASP A 33 10.38 18.42 14.61
C ASP A 33 11.20 18.73 13.37
N VAL A 34 10.58 19.37 12.38
CA VAL A 34 11.19 19.76 11.11
C VAL A 34 12.38 20.73 11.30
N ASP A 35 12.19 21.79 12.10
CA ASP A 35 13.24 22.79 12.35
C ASP A 35 14.53 22.18 12.89
N THR A 36 14.44 21.32 13.92
CA THR A 36 15.57 20.65 14.54
C THR A 36 16.25 19.70 13.55
N SER A 37 15.45 18.89 12.84
CA SER A 37 15.92 17.92 11.85
C SER A 37 16.68 18.62 10.73
N TRP A 38 16.07 19.68 10.15
CA TRP A 38 16.64 20.46 9.05
C TRP A 38 17.93 21.15 9.48
N ASN A 39 17.92 21.83 10.64
CA ASN A 39 19.10 22.53 11.12
C ASN A 39 20.26 21.61 11.43
N ASN A 40 19.98 20.43 12.01
CA ASN A 40 21.02 19.42 12.27
C ASN A 40 21.57 18.83 10.94
N ALA A 41 20.67 18.57 9.95
CA ALA A 41 21.05 18.06 8.64
C ALA A 41 21.97 19.04 7.89
N ILE A 42 21.63 20.34 7.89
CA ILE A 42 22.46 21.33 7.19
C ILE A 42 23.78 21.62 7.90
N ASN A 43 23.89 21.28 9.19
CA ASN A 43 25.13 21.42 9.96
C ASN A 43 25.97 20.11 10.00
N GLY A 44 25.57 19.11 9.22
CA GLY A 44 26.25 17.82 9.12
C GLY A 44 26.29 17.01 10.41
N VAL A 45 25.23 17.13 11.25
CA VAL A 45 25.13 16.43 12.53
C VAL A 45 24.65 14.99 12.28
N SER A 46 25.35 14.00 12.86
CA SER A 46 24.98 12.59 12.75
C SER A 46 23.95 12.19 13.85
N GLY A 47 22.94 11.42 13.45
CA GLY A 47 21.93 10.90 14.37
C GLY A 47 22.22 9.46 14.73
N ILE A 48 23.39 8.96 14.29
CA ILE A 48 23.82 7.57 14.49
C ILE A 48 24.63 7.38 15.75
N GLY A 49 24.24 6.37 16.53
CA GLY A 49 24.90 5.98 17.76
C GLY A 49 24.72 4.51 18.09
N PRO A 50 25.18 4.03 19.27
CA PRO A 50 24.97 2.61 19.62
C PRO A 50 23.49 2.31 19.84
N ILE A 51 23.03 1.09 19.48
CA ILE A 51 21.65 0.62 19.64
C ILE A 51 21.29 0.58 21.13
N THR A 52 20.18 1.21 21.51
CA THR A 52 19.66 1.19 22.88
C THR A 52 18.27 0.57 22.89
N ARG A 53 17.57 0.61 21.73
CA ARG A 53 16.20 0.10 21.58
C ARG A 53 16.06 -1.38 21.87
N VAL A 54 17.02 -2.18 21.41
CA VAL A 54 17.04 -3.62 21.66
C VAL A 54 18.43 -3.99 22.22
N ASP A 55 18.56 -5.19 22.81
CA ASP A 55 19.87 -5.67 23.28
C ASP A 55 20.59 -6.16 22.02
N ALA A 56 21.63 -5.43 21.61
CA ALA A 56 22.39 -5.67 20.39
C ALA A 56 23.52 -6.72 20.49
N GLU A 57 23.76 -7.29 21.69
CA GLU A 57 24.81 -8.28 21.93
C GLU A 57 24.72 -9.52 21.02
N GLU A 58 23.50 -9.94 20.64
CA GLU A 58 23.28 -11.11 19.77
C GLU A 58 23.37 -10.83 18.24
N TYR A 59 23.30 -9.54 17.83
CA TYR A 59 23.35 -9.14 16.41
C TYR A 59 24.71 -8.62 15.98
N PRO A 60 25.10 -8.86 14.70
CA PRO A 60 26.39 -8.30 14.22
C PRO A 60 26.30 -6.77 14.09
N ALA A 61 25.09 -6.23 13.80
CA ALA A 61 24.85 -4.78 13.73
C ALA A 61 24.88 -4.19 15.17
N LYS A 62 25.64 -3.11 15.37
CA LYS A 62 25.85 -2.50 16.68
C LYS A 62 25.37 -1.05 16.79
N VAL A 63 25.10 -0.40 15.63
CA VAL A 63 24.66 1.00 15.57
C VAL A 63 23.29 1.17 14.92
N ALA A 64 22.59 2.26 15.27
CA ALA A 64 21.30 2.62 14.70
C ALA A 64 21.08 4.11 14.83
N ALA A 65 20.10 4.65 14.11
CA ALA A 65 19.75 6.05 14.20
C ALA A 65 18.37 6.11 14.88
N GLU A 66 18.37 6.39 16.19
CA GLU A 66 17.15 6.42 16.99
C GLU A 66 16.65 7.83 17.21
N LEU A 67 15.34 7.96 17.51
CA LEU A 67 14.75 9.23 17.94
C LEU A 67 15.41 9.59 19.26
N LYS A 68 15.75 10.87 19.45
CA LYS A 68 16.40 11.30 20.69
C LYS A 68 15.39 11.98 21.59
N ASP A 69 15.27 11.49 22.84
CA ASP A 69 14.38 11.98 23.90
C ASP A 69 12.92 12.18 23.42
N PHE A 70 12.42 11.20 22.64
CA PHE A 70 11.05 11.23 22.18
C PHE A 70 10.18 10.55 23.22
N ASN A 71 9.20 11.27 23.71
CA ASN A 71 8.20 10.77 24.65
C ASN A 71 6.86 11.08 23.99
N VAL A 72 6.12 10.03 23.60
CA VAL A 72 4.81 10.16 22.95
C VAL A 72 3.82 10.99 23.82
N GLU A 73 3.99 10.93 25.15
CA GLU A 73 3.14 11.67 26.10
C GLU A 73 3.34 13.18 26.11
N ASP A 74 4.33 13.72 25.36
CA ASP A 74 4.49 15.16 25.22
C ASP A 74 3.52 15.67 24.15
N TYR A 75 2.95 14.75 23.33
CA TYR A 75 2.09 15.09 22.20
C TYR A 75 0.64 14.65 22.34
N MET A 76 0.36 13.64 23.16
CA MET A 76 -0.99 13.11 23.32
C MET A 76 -1.15 12.52 24.70
N ASP A 77 -2.40 12.33 25.14
CA ASP A 77 -2.64 11.70 26.44
C ASP A 77 -2.27 10.23 26.35
N LYS A 78 -1.92 9.61 27.48
CA LYS A 78 -1.60 8.18 27.61
C LYS A 78 -2.75 7.32 27.03
N LYS A 79 -4.02 7.72 27.30
CA LYS A 79 -5.22 7.02 26.78
C LYS A 79 -5.11 6.83 25.25
N GLU A 80 -4.69 7.89 24.53
CA GLU A 80 -4.56 7.86 23.07
C GLU A 80 -3.38 7.03 22.58
N ALA A 81 -2.25 7.05 23.29
CA ALA A 81 -1.01 6.39 22.90
C ALA A 81 -0.92 4.90 23.13
N ARG A 82 -1.65 4.38 24.13
CA ARG A 82 -1.64 2.98 24.54
C ARG A 82 -1.94 1.93 23.46
N LYS A 83 -2.86 2.24 22.54
CA LYS A 83 -3.29 1.35 21.47
C LYS A 83 -2.59 1.69 20.15
N MET A 84 -1.40 2.28 20.24
CA MET A 84 -0.61 2.66 19.06
C MET A 84 0.77 2.01 19.09
N ASP A 85 1.13 1.33 18.02
CA ASP A 85 2.50 0.82 17.89
C ASP A 85 3.33 2.10 17.62
N ARG A 86 4.64 2.06 17.90
CA ARG A 86 5.55 3.19 17.65
C ARG A 86 5.39 3.75 16.23
N PHE A 87 5.18 2.91 15.21
CA PHE A 87 5.02 3.40 13.82
C PHE A 87 3.80 4.31 13.67
N THR A 88 2.74 4.00 14.40
CA THR A 88 1.52 4.80 14.38
C THR A 88 1.69 6.07 15.22
N GLN A 89 2.32 5.95 16.40
CA GLN A 89 2.61 7.10 17.26
C GLN A 89 3.38 8.16 16.44
N TYR A 90 4.42 7.73 15.70
CA TYR A 90 5.25 8.64 14.89
C TYR A 90 4.44 9.34 13.81
N ALA A 91 3.59 8.57 13.11
CA ALA A 91 2.75 9.07 12.02
C ALA A 91 1.76 10.11 12.50
N VAL A 92 1.06 9.82 13.61
CA VAL A 92 0.06 10.71 14.22
C VAL A 92 0.73 12.02 14.69
N VAL A 93 1.84 11.92 15.41
CA VAL A 93 2.58 13.10 15.91
C VAL A 93 3.07 13.97 14.76
N ALA A 94 3.71 13.36 13.73
CA ALA A 94 4.21 14.10 12.56
C ALA A 94 3.07 14.72 11.73
N ALA A 95 1.93 14.00 11.58
CA ALA A 95 0.77 14.51 10.82
C ALA A 95 0.11 15.68 11.52
N LYS A 96 0.01 15.63 12.88
CA LYS A 96 -0.56 16.74 13.66
C LYS A 96 0.35 17.97 13.50
N MET A 97 1.68 17.73 13.50
CA MET A 97 2.68 18.80 13.35
C MET A 97 2.56 19.44 11.97
N ALA A 98 2.36 18.62 10.92
CA ALA A 98 2.21 19.09 9.55
C ALA A 98 0.95 19.94 9.36
N VAL A 99 -0.17 19.52 9.95
CA VAL A 99 -1.46 20.22 9.86
C VAL A 99 -1.41 21.54 10.65
N GLU A 100 -0.80 21.51 11.85
CA GLU A 100 -0.57 22.68 12.69
C GLU A 100 0.31 23.68 11.91
N ASP A 101 1.40 23.20 11.26
CA ASP A 101 2.30 24.04 10.44
C ASP A 101 1.55 24.64 9.24
N ALA A 102 0.68 23.85 8.59
CA ALA A 102 -0.13 24.31 7.47
C ALA A 102 -1.19 25.33 7.88
N ASP A 103 -1.49 25.41 9.19
CA ASP A 103 -2.51 26.27 9.79
C ASP A 103 -3.88 25.95 9.16
N LEU A 104 -4.12 24.65 8.92
CA LEU A 104 -5.33 24.15 8.29
C LEU A 104 -6.40 23.78 9.33
N ASN A 105 -7.58 24.37 9.18
CA ASN A 105 -8.71 24.10 10.05
C ASN A 105 -9.63 23.12 9.31
N ILE A 106 -9.55 21.84 9.69
CA ILE A 106 -10.39 20.80 9.06
C ILE A 106 -11.77 20.84 9.67
N THR A 107 -12.66 21.62 9.06
CA THR A 107 -14.04 21.78 9.52
C THR A 107 -14.89 20.64 8.96
N ASP A 108 -16.16 20.54 9.39
CA ASP A 108 -17.11 19.54 8.89
CA ASP A 108 -17.12 19.54 8.91
C ASP A 108 -17.33 19.75 7.40
N GLU A 109 -17.28 21.00 6.94
CA GLU A 109 -17.47 21.40 5.53
C GLU A 109 -16.37 20.82 4.63
N ILE A 110 -15.10 21.04 4.98
CA ILE A 110 -13.98 20.59 4.16
C ILE A 110 -13.48 19.15 4.44
N ALA A 111 -13.92 18.54 5.58
CA ALA A 111 -13.50 17.17 5.96
C ALA A 111 -13.57 16.11 4.82
N PRO A 112 -14.65 16.00 3.99
CA PRO A 112 -14.61 14.98 2.91
C PRO A 112 -13.64 15.33 1.78
N ARG A 113 -13.05 16.54 1.79
CA ARG A 113 -12.10 17.00 0.75
C ARG A 113 -10.65 16.93 1.23
N VAL A 114 -10.45 16.47 2.49
CA VAL A 114 -9.15 16.32 3.14
C VAL A 114 -8.90 14.82 3.36
N GLY A 115 -7.93 14.30 2.65
CA GLY A 115 -7.59 12.88 2.72
C GLY A 115 -6.25 12.60 3.35
N VAL A 116 -5.92 11.31 3.46
CA VAL A 116 -4.68 10.82 4.09
C VAL A 116 -4.12 9.69 3.26
N TRP A 117 -2.83 9.77 2.90
CA TRP A 117 -2.18 8.69 2.15
C TRP A 117 -0.79 8.52 2.73
N VAL A 118 -0.68 7.71 3.77
CA VAL A 118 0.58 7.51 4.48
C VAL A 118 0.96 6.04 4.42
N GLY A 119 2.21 5.76 4.09
CA GLY A 119 2.66 4.38 4.03
C GLY A 119 3.61 4.01 5.16
N SER A 120 3.80 2.70 5.34
CA SER A 120 4.77 2.12 6.25
C SER A 120 5.30 0.85 5.59
N GLY A 121 6.61 0.63 5.63
CA GLY A 121 7.23 -0.54 5.02
C GLY A 121 6.81 -1.84 5.68
N ILE A 122 6.64 -1.84 7.02
CA ILE A 122 6.27 -3.05 7.75
C ILE A 122 5.16 -2.87 8.81
N GLY A 123 4.83 -1.64 9.17
CA GLY A 123 3.81 -1.42 10.18
C GLY A 123 4.25 -1.83 11.57
N GLY A 124 3.33 -2.44 12.32
CA GLY A 124 3.50 -2.77 13.74
C GLY A 124 4.27 -4.03 14.05
N LEU A 125 5.54 -4.10 13.60
CA LEU A 125 6.40 -5.27 13.80
C LEU A 125 6.66 -5.55 15.28
N GLU A 126 6.95 -4.51 16.08
CA GLU A 126 7.17 -4.67 17.52
C GLU A 126 5.91 -5.28 18.19
N THR A 127 4.70 -4.77 17.83
CA THR A 127 3.43 -5.28 18.37
C THR A 127 3.27 -6.74 18.02
N LEU A 128 3.53 -7.08 16.76
CA LEU A 128 3.42 -8.45 16.27
C LEU A 128 4.36 -9.39 17.07
N GLU A 129 5.62 -8.98 17.27
CA GLU A 129 6.62 -9.76 18.02
C GLU A 129 6.15 -9.98 19.45
N SER A 130 5.72 -8.92 20.17
CA SER A 130 5.24 -8.99 21.56
C SER A 130 4.00 -9.86 21.67
N GLN A 131 3.04 -9.68 20.75
CA GLN A 131 1.80 -10.46 20.75
C GLN A 131 2.00 -11.94 20.40
N PHE A 132 2.94 -12.26 19.46
CA PHE A 132 3.24 -13.65 19.10
C PHE A 132 3.98 -14.34 20.24
N GLU A 133 4.85 -13.59 20.95
CA GLU A 133 5.56 -14.11 22.13
C GLU A 133 4.54 -14.44 23.23
N ILE A 134 3.45 -13.62 23.36
CA ILE A 134 2.34 -13.86 24.30
C ILE A 134 1.57 -15.13 23.84
N PHE A 135 1.31 -15.27 22.54
CA PHE A 135 0.64 -16.45 21.97
C PHE A 135 1.40 -17.75 22.35
N LEU A 136 2.73 -17.78 22.14
CA LEU A 136 3.57 -18.95 22.38
C LEU A 136 3.68 -19.36 23.84
N THR A 137 3.79 -18.38 24.76
CA THR A 137 3.97 -18.61 26.19
C THR A 137 2.67 -18.66 27.01
N LYS A 138 1.64 -17.90 26.59
CA LYS A 138 0.37 -17.81 27.33
C LYS A 138 -0.84 -18.43 26.62
N GLY A 139 -0.72 -18.72 25.32
CA GLY A 139 -1.82 -19.29 24.55
C GLY A 139 -2.59 -18.24 23.76
N PRO A 140 -3.38 -18.66 22.73
CA PRO A 140 -4.12 -17.68 21.90
C PRO A 140 -5.17 -16.82 22.58
N ARG A 141 -5.77 -17.28 23.70
CA ARG A 141 -6.80 -16.52 24.43
C ARG A 141 -6.25 -15.26 25.11
N ARG A 142 -4.92 -15.18 25.29
CA ARG A 142 -4.23 -14.04 25.91
C ARG A 142 -3.79 -13.00 24.88
N VAL A 143 -4.00 -13.26 23.58
CA VAL A 143 -3.68 -12.31 22.51
C VAL A 143 -4.68 -11.16 22.62
N SER A 144 -4.20 -9.92 22.58
CA SER A 144 -5.01 -8.71 22.70
C SER A 144 -6.09 -8.53 21.61
N PRO A 145 -7.30 -7.99 21.95
CA PRO A 145 -8.28 -7.66 20.89
C PRO A 145 -7.82 -6.49 20.02
N PHE A 146 -6.76 -5.77 20.46
CA PHE A 146 -6.17 -4.64 19.74
C PHE A 146 -5.00 -5.05 18.86
N PHE A 147 -4.55 -6.33 18.94
CA PHE A 147 -3.43 -6.82 18.15
C PHE A 147 -3.51 -6.51 16.65
N VAL A 148 -4.59 -6.97 15.97
CA VAL A 148 -4.77 -6.80 14.52
C VAL A 148 -4.73 -5.33 14.09
N PRO A 149 -5.60 -4.42 14.60
CA PRO A 149 -5.54 -3.02 14.14
C PRO A 149 -4.21 -2.34 14.46
N MET A 150 -3.57 -2.64 15.62
CA MET A 150 -2.28 -2.03 15.96
C MET A 150 -1.16 -2.39 14.99
N MET A 151 -1.18 -3.62 14.47
CA MET A 151 -0.12 -4.15 13.60
C MET A 151 -0.20 -3.71 12.13
N ILE A 152 -1.41 -3.68 11.55
CA ILE A 152 -1.58 -3.38 10.12
C ILE A 152 -0.96 -2.06 9.68
N PRO A 153 -0.15 -2.07 8.57
CA PRO A 153 0.51 -0.83 8.13
C PRO A 153 -0.42 0.37 7.86
N ASP A 154 -1.65 0.10 7.42
CA ASP A 154 -2.63 1.15 7.11
C ASP A 154 -3.23 1.83 8.34
N MET A 155 -2.87 1.34 9.55
CA MET A 155 -3.35 1.94 10.79
C MET A 155 -2.74 3.32 11.04
N ALA A 156 -1.60 3.65 10.40
CA ALA A 156 -1.02 4.98 10.51
C ALA A 156 -1.99 5.95 9.83
N THR A 157 -2.43 5.62 8.57
CA THR A 157 -3.43 6.41 7.84
C THR A 157 -4.74 6.43 8.65
N GLY A 158 -5.17 5.26 9.13
CA GLY A 158 -6.38 5.13 9.93
C GLY A 158 -6.39 6.06 11.13
N GLN A 159 -5.33 6.01 11.97
CA GLN A 159 -5.21 6.83 13.18
C GLN A 159 -5.03 8.31 12.89
N ILE A 160 -4.30 8.66 11.82
CA ILE A 160 -4.13 10.05 11.37
C ILE A 160 -5.49 10.62 10.98
N SER A 161 -6.29 9.86 10.21
CA SER A 161 -7.60 10.36 9.77
C SER A 161 -8.55 10.60 10.95
N ILE A 162 -8.53 9.70 11.96
CA ILE A 162 -9.33 9.87 13.19
C ILE A 162 -8.83 11.12 13.95
N ALA A 163 -7.50 11.24 14.17
CA ALA A 163 -6.93 12.37 14.90
C ALA A 163 -7.24 13.71 14.22
N LEU A 164 -7.27 13.74 12.87
CA LEU A 164 -7.50 14.98 12.13
C LEU A 164 -8.93 15.31 11.76
N GLY A 165 -9.76 14.28 11.66
CA GLY A 165 -11.13 14.44 11.17
C GLY A 165 -11.14 14.47 9.65
N ALA A 166 -10.10 13.90 9.02
CA ALA A 166 -9.95 13.86 7.54
C ALA A 166 -10.78 12.71 6.95
N LYS A 167 -11.81 13.06 6.15
CA LYS A 167 -12.77 12.10 5.61
C LYS A 167 -12.67 11.82 4.10
N GLY A 168 -11.68 12.40 3.44
CA GLY A 168 -11.48 12.20 2.01
C GLY A 168 -10.72 10.93 1.65
N VAL A 169 -10.12 10.93 0.43
CA VAL A 169 -9.33 9.80 -0.10
C VAL A 169 -8.40 9.25 0.98
N ASN A 170 -8.52 7.97 1.27
CA ASN A 170 -7.83 7.36 2.39
C ASN A 170 -7.14 6.10 1.91
N SER A 171 -5.79 6.09 1.92
CA SER A 171 -5.03 4.92 1.47
C SER A 171 -3.68 4.77 2.16
N CYS A 172 -2.96 3.72 1.77
CA CYS A 172 -1.65 3.39 2.32
C CYS A 172 -0.91 2.58 1.27
N THR A 173 0.26 3.09 0.86
CA THR A 173 1.13 2.40 -0.11
C THR A 173 2.24 1.73 0.70
N VAL A 174 2.54 0.43 0.40
CA VAL A 174 3.62 -0.31 1.05
C VAL A 174 4.51 -0.83 -0.07
N THR A 175 5.69 -0.19 -0.27
CA THR A 175 6.62 -0.53 -1.36
C THR A 175 8.05 -0.51 -0.84
N ALA A 176 8.30 -1.15 0.33
CA ALA A 176 9.61 -1.28 0.94
C ALA A 176 10.24 0.12 1.15
N CYS A 177 11.49 0.34 0.72
CA CYS A 177 12.13 1.64 0.89
C CYS A 177 11.65 2.77 -0.03
N ALA A 178 10.79 2.44 -1.00
CA ALA A 178 10.18 3.43 -1.89
C ALA A 178 8.85 3.94 -1.32
N THR A 179 8.38 3.35 -0.18
CA THR A 179 7.09 3.65 0.47
C THR A 179 6.69 5.14 0.57
N GLY A 180 7.54 5.96 1.19
CA GLY A 180 7.28 7.38 1.43
C GLY A 180 7.14 8.17 0.16
N THR A 181 8.00 7.87 -0.82
CA THR A 181 8.04 8.51 -2.14
C THR A 181 6.77 8.17 -2.96
N ASN A 182 6.39 6.88 -3.01
CA ASN A 182 5.18 6.45 -3.70
C ASN A 182 3.93 7.03 -3.05
N SER A 183 3.85 7.01 -1.70
CA SER A 183 2.67 7.54 -0.99
C SER A 183 2.44 9.00 -1.36
N ILE A 184 3.53 9.82 -1.34
CA ILE A 184 3.46 11.24 -1.70
C ILE A 184 3.05 11.42 -3.17
N GLY A 185 3.66 10.63 -4.06
CA GLY A 185 3.34 10.66 -5.49
C GLY A 185 1.89 10.32 -5.75
N ASP A 186 1.39 9.27 -5.08
CA ASP A 186 -0.01 8.84 -5.18
C ASP A 186 -0.99 9.92 -4.69
N ALA A 187 -0.68 10.58 -3.56
CA ALA A 187 -1.48 11.69 -3.03
C ALA A 187 -1.45 12.89 -3.98
N PHE A 188 -0.28 13.17 -4.57
CA PHE A 188 -0.12 14.23 -5.58
C PHE A 188 -1.07 13.95 -6.77
N LYS A 189 -1.11 12.70 -7.26
CA LYS A 189 -2.02 12.32 -8.35
C LYS A 189 -3.50 12.48 -7.99
N VAL A 190 -3.87 12.17 -6.73
CA VAL A 190 -5.25 12.34 -6.21
C VAL A 190 -5.69 13.82 -6.36
N ILE A 191 -4.84 14.76 -5.93
CA ILE A 191 -5.14 16.19 -5.99
C ILE A 191 -5.17 16.69 -7.43
N GLN A 192 -4.18 16.27 -8.24
CA GLN A 192 -4.06 16.63 -9.66
C GLN A 192 -5.34 16.29 -10.45
N ARG A 193 -5.95 15.11 -10.19
CA ARG A 193 -7.19 14.70 -10.87
C ARG A 193 -8.47 15.27 -10.21
N GLY A 194 -8.31 16.05 -9.15
CA GLY A 194 -9.40 16.75 -8.46
C GLY A 194 -10.18 15.92 -7.45
N ASP A 195 -9.60 14.80 -6.98
CA ASP A 195 -10.28 13.90 -6.04
C ASP A 195 -10.15 14.28 -4.56
N ALA A 196 -9.32 15.28 -4.25
CA ALA A 196 -9.15 15.82 -2.91
C ALA A 196 -8.58 17.21 -3.05
N ASP A 197 -8.85 18.09 -2.07
CA ASP A 197 -8.28 19.44 -2.08
C ASP A 197 -7.02 19.47 -1.25
N VAL A 198 -6.97 18.58 -0.25
CA VAL A 198 -5.84 18.45 0.67
C VAL A 198 -5.54 16.97 0.87
N MET A 199 -4.24 16.60 0.91
CA MET A 199 -3.79 15.24 1.26
C MET A 199 -2.65 15.35 2.27
N VAL A 200 -2.79 14.65 3.39
CA VAL A 200 -1.78 14.53 4.45
C VAL A 200 -1.06 13.23 4.04
N THR A 201 0.23 13.34 3.68
CA THR A 201 0.92 12.21 3.07
C THR A 201 2.39 12.08 3.47
N GLY A 202 2.90 10.86 3.31
CA GLY A 202 4.28 10.57 3.62
C GLY A 202 4.50 9.14 4.05
N GLY A 203 5.51 8.93 4.87
CA GLY A 203 5.85 7.59 5.34
C GLY A 203 6.21 7.58 6.81
N THR A 204 6.06 6.42 7.43
CA THR A 204 6.39 6.24 8.83
C THR A 204 7.03 4.88 9.02
N GLU A 205 7.94 4.77 9.98
CA GLU A 205 8.57 3.48 10.26
C GLU A 205 9.13 3.40 11.67
N ALA A 206 8.92 2.26 12.34
CA ALA A 206 9.52 1.97 13.65
C ALA A 206 10.16 0.57 13.46
N PRO A 207 11.29 0.48 12.73
CA PRO A 207 11.85 -0.84 12.42
C PRO A 207 12.96 -1.33 13.36
N LEU A 208 13.21 -0.59 14.45
CA LEU A 208 14.24 -0.95 15.42
C LEU A 208 13.67 -2.01 16.35
N THR A 209 13.57 -3.26 15.81
CA THR A 209 12.99 -4.41 16.52
C THR A 209 13.93 -5.61 16.38
N ARG A 210 13.65 -6.67 17.17
CA ARG A 210 14.40 -7.92 17.19
C ARG A 210 14.42 -8.60 15.83
N MET A 211 13.25 -8.79 15.21
CA MET A 211 13.16 -9.45 13.91
C MET A 211 13.74 -8.64 12.77
N SER A 212 13.67 -7.31 12.89
CA SER A 212 14.19 -6.43 11.86
C SER A 212 15.71 -6.44 11.86
N PHE A 213 16.35 -6.35 13.04
CA PHE A 213 17.80 -6.47 13.15
C PHE A 213 18.29 -7.85 12.72
N ALA A 214 17.58 -8.93 13.13
CA ALA A 214 17.92 -10.31 12.74
C ALA A 214 17.73 -10.55 11.23
N GLY A 215 16.60 -10.06 10.71
CA GLY A 215 16.26 -10.21 9.30
C GLY A 215 17.22 -9.51 8.37
N PHE A 216 17.52 -8.24 8.67
CA PHE A 216 18.46 -7.47 7.83
C PHE A 216 19.91 -7.93 7.98
N SER A 217 20.29 -8.48 9.15
CA SER A 217 21.61 -9.07 9.38
C SER A 217 21.73 -10.37 8.57
N ALA A 218 20.65 -11.20 8.54
CA ALA A 218 20.67 -12.49 7.81
C ALA A 218 20.77 -12.21 6.31
N ASN A 219 20.15 -11.12 5.85
CA ASN A 219 20.19 -10.68 4.45
C ASN A 219 21.54 -10.04 4.10
N LYS A 220 22.33 -9.69 5.13
CA LYS A 220 23.63 -9.01 5.04
C LYS A 220 23.45 -7.61 4.42
N ALA A 221 22.34 -6.97 4.78
CA ALA A 221 21.99 -5.63 4.29
C ALA A 221 22.52 -4.55 5.24
N LEU A 222 22.74 -4.92 6.51
CA LEU A 222 23.17 -3.98 7.56
C LEU A 222 24.67 -3.86 7.67
N SER A 223 25.11 -2.64 7.94
CA SER A 223 26.51 -2.37 8.22
C SER A 223 26.84 -3.05 9.56
N THR A 224 27.98 -3.77 9.61
CA THR A 224 28.41 -4.41 10.85
C THR A 224 29.53 -3.58 11.49
N ASN A 225 29.75 -2.36 10.94
CA ASN A 225 30.75 -1.41 11.45
C ASN A 225 30.30 -0.96 12.86
N PRO A 226 31.12 -1.25 13.91
CA PRO A 226 30.71 -0.86 15.27
C PRO A 226 30.93 0.62 15.60
N ASP A 227 31.67 1.35 14.73
CA ASP A 227 31.98 2.77 14.92
C ASP A 227 30.82 3.64 14.39
N PRO A 228 30.09 4.36 15.26
CA PRO A 228 29.00 5.24 14.75
C PRO A 228 29.49 6.43 13.93
N LYS A 229 30.79 6.76 14.00
CA LYS A 229 31.38 7.88 13.26
C LYS A 229 31.54 7.60 11.76
N THR A 230 31.71 6.31 11.37
CA THR A 230 31.94 5.94 9.98
C THR A 230 30.96 4.88 9.43
N ALA A 231 30.00 4.40 10.25
CA ALA A 231 29.05 3.35 9.84
C ALA A 231 28.25 3.68 8.57
N SER A 232 27.55 4.84 8.55
CA SER A 232 26.80 5.25 7.37
C SER A 232 27.64 6.24 6.55
N ARG A 233 28.13 5.77 5.40
CA ARG A 233 29.01 6.56 4.54
C ARG A 233 28.64 6.34 3.06
N PRO A 234 27.48 6.91 2.61
CA PRO A 234 27.06 6.69 1.21
C PRO A 234 28.10 7.18 0.22
N PHE A 235 28.31 6.38 -0.86
CA PHE A 235 29.25 6.68 -1.95
C PHE A 235 30.74 6.47 -1.61
N ASP A 236 31.07 6.23 -0.32
CA ASP A 236 32.45 5.98 0.14
C ASP A 236 32.87 4.58 -0.30
N LYS A 237 34.17 4.42 -0.65
CA LYS A 237 34.74 3.14 -1.09
C LYS A 237 34.53 2.01 -0.07
N ASN A 238 34.54 2.37 1.23
CA ASN A 238 34.43 1.43 2.36
C ASN A 238 33.02 1.21 2.91
N ARG A 239 31.98 1.71 2.21
CA ARG A 239 30.57 1.49 2.59
C ARG A 239 30.29 -0.02 2.65
N ASP A 240 29.55 -0.47 3.67
CA ASP A 240 29.31 -1.90 3.87
C ASP A 240 27.89 -2.25 4.35
N GLY A 241 26.90 -1.52 3.87
CA GLY A 241 25.51 -1.75 4.26
C GLY A 241 24.91 -0.55 4.95
N PHE A 242 23.59 -0.53 5.10
CA PHE A 242 22.95 0.61 5.71
C PHE A 242 22.89 0.55 7.24
N VAL A 243 22.62 1.72 7.84
CA VAL A 243 22.39 1.90 9.27
C VAL A 243 20.90 2.21 9.38
N MET A 244 20.19 1.37 10.11
CA MET A 244 18.75 1.49 10.28
C MET A 244 18.38 2.68 11.15
N GLY A 245 17.36 3.41 10.71
CA GLY A 245 16.79 4.56 11.42
C GLY A 245 15.30 4.34 11.65
N GLU A 246 14.64 5.32 12.26
CA GLU A 246 13.19 5.28 12.53
C GLU A 246 12.63 6.71 12.48
N GLY A 247 11.31 6.82 12.34
CA GLY A 247 10.67 8.12 12.33
C GLY A 247 9.54 8.23 11.33
N ALA A 248 9.16 9.47 11.01
CA ALA A 248 8.07 9.78 10.10
C ALA A 248 8.26 11.13 9.47
N GLY A 249 7.97 11.20 8.19
CA GLY A 249 8.03 12.45 7.44
C GLY A 249 6.69 12.61 6.77
N ILE A 250 5.93 13.64 7.18
CA ILE A 250 4.58 13.89 6.70
C ILE A 250 4.47 15.30 6.15
N ILE A 251 3.86 15.43 4.96
CA ILE A 251 3.66 16.72 4.33
C ILE A 251 2.17 16.94 4.02
N VAL A 252 1.76 18.19 3.96
CA VAL A 252 0.40 18.55 3.60
C VAL A 252 0.47 19.00 2.13
N LEU A 253 -0.18 18.26 1.22
CA LEU A 253 -0.26 18.65 -0.19
C LEU A 253 -1.61 19.33 -0.35
N GLU A 254 -1.67 20.36 -1.19
CA GLU A 254 -2.91 21.12 -1.33
C GLU A 254 -3.09 21.65 -2.74
N GLU A 255 -4.35 21.63 -3.23
CA GLU A 255 -4.68 22.20 -4.53
C GLU A 255 -4.41 23.72 -4.42
N LEU A 256 -3.67 24.28 -5.41
CA LEU A 256 -3.22 25.66 -5.42
C LEU A 256 -4.26 26.74 -5.12
N GLU A 257 -5.39 26.75 -5.84
CA GLU A 257 -6.43 27.76 -5.61
C GLU A 257 -6.99 27.70 -4.20
N HIS A 258 -7.13 26.47 -3.64
CA HIS A 258 -7.61 26.23 -2.28
C HIS A 258 -6.61 26.86 -1.28
N ALA A 259 -5.29 26.64 -1.51
CA ALA A 259 -4.19 27.18 -0.69
C ALA A 259 -4.15 28.70 -0.73
N LEU A 260 -4.27 29.30 -1.94
CA LEU A 260 -4.26 30.74 -2.12
C LEU A 260 -5.46 31.41 -1.47
N ALA A 261 -6.67 30.83 -1.63
CA ALA A 261 -7.90 31.40 -1.07
C ALA A 261 -7.88 31.51 0.46
N ARG A 262 -7.26 30.53 1.15
CA ARG A 262 -7.18 30.54 2.62
C ARG A 262 -5.93 31.27 3.17
N GLY A 263 -5.08 31.77 2.27
CA GLY A 263 -3.87 32.48 2.62
C GLY A 263 -2.81 31.58 3.21
N ALA A 264 -2.69 30.35 2.67
CA ALA A 264 -1.73 29.35 3.12
C ALA A 264 -0.30 29.75 2.74
N LYS A 265 0.68 29.34 3.56
CA LYS A 265 2.07 29.55 3.21
C LYS A 265 2.44 28.37 2.26
N ILE A 266 3.27 28.63 1.26
CA ILE A 266 3.65 27.64 0.26
C ILE A 266 5.16 27.44 0.28
N TYR A 267 5.61 26.21 0.55
CA TYR A 267 7.03 25.87 0.56
C TYR A 267 7.57 25.68 -0.84
N GLY A 268 6.73 25.12 -1.70
CA GLY A 268 7.06 24.79 -3.08
C GLY A 268 5.96 23.98 -3.72
N GLU A 269 6.20 23.55 -4.95
CA GLU A 269 5.25 22.79 -5.75
C GLU A 269 5.75 21.39 -6.09
N ILE A 270 4.86 20.41 -6.09
CA ILE A 270 5.18 19.05 -6.55
C ILE A 270 4.74 19.00 -8.02
N VAL A 271 5.67 18.64 -8.91
CA VAL A 271 5.44 18.68 -10.36
C VAL A 271 5.60 17.36 -11.12
N GLY A 272 6.34 16.42 -10.53
CA GLY A 272 6.65 15.16 -11.21
C GLY A 272 6.71 13.97 -10.31
N TYR A 273 6.30 12.83 -10.86
CA TYR A 273 6.24 11.54 -10.17
C TYR A 273 6.47 10.44 -11.20
N GLY A 274 7.45 9.58 -10.90
CA GLY A 274 7.80 8.43 -11.73
C GLY A 274 7.85 7.16 -10.91
N SER A 275 7.32 6.07 -11.49
CA SER A 275 7.27 4.75 -10.84
C SER A 275 7.57 3.67 -11.87
N THR A 276 8.55 2.81 -11.59
CA THR A 276 8.90 1.69 -12.46
C THR A 276 9.25 0.46 -11.62
N GLY A 277 9.35 -0.68 -12.28
CA GLY A 277 9.78 -1.95 -11.70
C GLY A 277 10.96 -2.48 -12.49
N ASP A 278 11.98 -2.99 -11.79
CA ASP A 278 13.16 -3.58 -12.45
C ASP A 278 12.77 -4.88 -13.11
N ALA A 279 11.81 -5.62 -12.52
CA ALA A 279 11.37 -6.97 -12.95
C ALA A 279 12.61 -7.87 -13.05
N TYR A 280 13.54 -7.71 -12.08
CA TYR A 280 14.83 -8.41 -12.11
C TYR A 280 15.05 -9.41 -10.96
N HIS A 281 15.10 -8.93 -9.71
CA HIS A 281 15.46 -9.73 -8.56
C HIS A 281 14.76 -9.22 -7.29
N ILE A 282 14.52 -10.12 -6.32
CA ILE A 282 13.83 -9.83 -5.05
C ILE A 282 14.51 -8.79 -4.19
N THR A 283 15.85 -8.70 -4.25
CA THR A 283 16.60 -7.76 -3.39
C THR A 283 17.66 -6.97 -4.14
N ALA A 284 18.27 -7.56 -5.17
CA ALA A 284 19.32 -6.90 -5.91
C ALA A 284 18.72 -5.92 -6.91
N PRO A 285 19.27 -4.71 -6.96
CA PRO A 285 18.79 -3.74 -7.96
C PRO A 285 19.32 -4.12 -9.35
N ALA A 286 18.59 -3.74 -10.41
CA ALA A 286 19.01 -4.03 -11.77
C ALA A 286 20.38 -3.45 -12.06
N GLN A 287 21.13 -4.15 -12.93
CA GLN A 287 22.46 -3.76 -13.38
C GLN A 287 22.39 -2.32 -13.94
N ASP A 288 23.35 -1.49 -13.55
CA ASP A 288 23.47 -0.08 -13.97
C ASP A 288 22.29 0.81 -13.52
N GLY A 289 21.45 0.28 -12.64
CA GLY A 289 20.27 0.98 -12.12
C GLY A 289 19.32 1.45 -13.21
N GLU A 290 19.14 0.61 -14.27
CA GLU A 290 18.30 0.90 -15.44
C GLU A 290 16.85 1.29 -15.10
N GLY A 291 16.26 0.62 -14.10
CA GLY A 291 14.89 0.85 -13.67
C GLY A 291 14.74 2.19 -12.98
N GLY A 292 15.73 2.53 -12.16
CA GLY A 292 15.82 3.82 -11.46
C GLY A 292 15.98 4.95 -12.46
N ALA A 293 16.77 4.70 -13.52
CA ALA A 293 16.98 5.65 -14.60
C ALA A 293 15.64 5.93 -15.30
N ARG A 294 14.87 4.85 -15.60
CA ARG A 294 13.54 4.97 -16.21
C ARG A 294 12.56 5.74 -15.31
N ALA A 295 12.58 5.49 -13.97
CA ALA A 295 11.68 6.20 -13.05
C ALA A 295 11.99 7.69 -13.01
N MET A 296 13.30 8.07 -13.06
CA MET A 296 13.71 9.48 -13.10
C MET A 296 13.25 10.12 -14.39
N GLN A 297 13.33 9.38 -15.51
CA GLN A 297 12.89 9.86 -16.83
C GLN A 297 11.37 10.09 -16.87
N GLU A 298 10.58 9.18 -16.27
CA GLU A 298 9.11 9.31 -16.17
C GLU A 298 8.73 10.55 -15.35
N ALA A 299 9.41 10.78 -14.21
CA ALA A 299 9.15 11.96 -13.36
C ALA A 299 9.50 13.26 -14.11
N ILE A 300 10.63 13.26 -14.87
CA ILE A 300 11.08 14.41 -15.67
C ILE A 300 10.02 14.74 -16.74
N LYS A 301 9.52 13.70 -17.46
CA LYS A 301 8.47 13.83 -18.48
C LYS A 301 7.17 14.35 -17.83
N ASP A 302 6.84 13.82 -16.63
CA ASP A 302 5.65 14.25 -15.87
C ASP A 302 5.73 15.74 -15.56
N ALA A 303 6.92 16.22 -15.12
CA ALA A 303 7.17 17.62 -14.79
C ALA A 303 7.21 18.55 -16.04
N GLY A 304 7.37 17.95 -17.23
CA GLY A 304 7.46 18.68 -18.50
C GLY A 304 8.71 19.54 -18.62
N ILE A 305 9.83 19.03 -18.10
CA ILE A 305 11.11 19.76 -18.10
C ILE A 305 12.20 18.98 -18.84
N ALA A 306 13.34 19.64 -19.07
CA ALA A 306 14.52 19.03 -19.65
C ALA A 306 15.33 18.49 -18.46
N PRO A 307 16.09 17.36 -18.57
CA PRO A 307 16.86 16.88 -17.40
C PRO A 307 17.87 17.92 -16.84
N GLU A 308 18.37 18.83 -17.71
CA GLU A 308 19.31 19.91 -17.37
C GLU A 308 18.72 20.90 -16.36
N GLU A 309 17.39 20.88 -16.18
CA GLU A 309 16.68 21.76 -15.27
C GLU A 309 16.79 21.31 -13.80
N ILE A 310 17.19 20.05 -13.55
CA ILE A 310 17.37 19.51 -12.19
C ILE A 310 18.67 20.09 -11.62
N ASP A 311 18.58 20.71 -10.45
CA ASP A 311 19.74 21.34 -9.79
C ASP A 311 20.34 20.43 -8.74
N TYR A 312 19.47 19.72 -8.02
CA TYR A 312 19.90 18.87 -6.91
C TYR A 312 19.12 17.58 -6.86
N ILE A 313 19.85 16.48 -6.63
CA ILE A 313 19.29 15.15 -6.43
C ILE A 313 19.48 14.72 -4.96
N ASN A 314 18.37 14.48 -4.24
CA ASN A 314 18.47 13.91 -2.91
C ASN A 314 18.41 12.40 -3.21
N ALA A 315 19.57 11.73 -3.19
CA ALA A 315 19.74 10.34 -3.57
C ALA A 315 19.22 9.32 -2.58
N HIS A 316 18.95 8.09 -3.07
CA HIS A 316 18.56 6.97 -2.23
C HIS A 316 19.77 6.72 -1.30
N GLY A 317 20.98 6.71 -1.86
CA GLY A 317 22.28 6.63 -1.20
C GLY A 317 22.28 6.05 0.19
N THR A 318 22.04 4.73 0.29
CA THR A 318 21.91 3.96 1.54
C THR A 318 23.21 3.51 2.20
N SER A 319 24.34 3.63 1.51
CA SER A 319 25.66 3.20 2.02
C SER A 319 25.89 1.69 1.81
N THR A 320 25.30 1.15 0.73
CA THR A 320 25.46 -0.24 0.34
C THR A 320 26.29 -0.25 -0.96
N TYR A 321 27.02 -1.35 -1.21
CA TYR A 321 27.87 -1.46 -2.40
C TYR A 321 27.15 -1.27 -3.73
N TYR A 322 26.18 -2.15 -4.07
CA TYR A 322 25.48 -2.09 -5.35
C TYR A 322 24.59 -0.88 -5.53
N ASN A 323 23.76 -0.56 -4.52
CA ASN A 323 22.84 0.58 -4.64
C ASN A 323 23.49 1.91 -4.95
N ASP A 324 24.59 2.28 -4.23
CA ASP A 324 25.27 3.58 -4.47
C ASP A 324 25.96 3.62 -5.83
N LYS A 325 26.55 2.51 -6.26
CA LYS A 325 27.20 2.34 -7.56
C LYS A 325 26.15 2.45 -8.69
N TYR A 326 25.05 1.69 -8.58
CA TYR A 326 23.99 1.68 -9.59
C TYR A 326 23.21 2.99 -9.67
N GLU A 327 23.03 3.67 -8.53
CA GLU A 327 22.37 5.00 -8.53
C GLU A 327 23.23 6.04 -9.26
N THR A 328 24.55 6.00 -9.06
CA THR A 328 25.52 6.88 -9.74
C THR A 328 25.42 6.64 -11.28
N MET A 329 25.40 5.38 -11.70
CA MET A 329 25.26 4.98 -13.11
C MET A 329 23.94 5.47 -13.70
N ALA A 330 22.82 5.32 -12.95
CA ALA A 330 21.48 5.76 -13.36
C ALA A 330 21.43 7.29 -13.59
N ILE A 331 22.10 8.07 -12.70
CA ILE A 331 22.16 9.54 -12.82
C ILE A 331 22.89 9.94 -14.12
N LYS A 332 24.01 9.25 -14.41
CA LYS A 332 24.80 9.49 -15.62
C LYS A 332 23.97 9.19 -16.89
N THR A 333 23.20 8.08 -16.88
CA THR A 333 22.33 7.69 -18.00
C THR A 333 21.28 8.79 -18.28
N VAL A 334 20.58 9.23 -17.23
CA VAL A 334 19.50 10.22 -17.34
C VAL A 334 19.98 11.60 -17.74
N PHE A 335 21.03 12.09 -17.05
CA PHE A 335 21.55 13.46 -17.17
C PHE A 335 22.71 13.71 -18.14
N GLY A 336 23.42 12.66 -18.54
CA GLY A 336 24.54 12.75 -19.47
C GLY A 336 25.63 13.70 -19.02
N GLU A 337 25.90 14.74 -19.83
CA GLU A 337 26.90 15.78 -19.53
C GLU A 337 26.50 16.65 -18.33
N HIS A 338 25.19 16.72 -18.00
CA HIS A 338 24.67 17.49 -16.86
C HIS A 338 24.88 16.77 -15.52
N ALA A 339 25.17 15.45 -15.53
CA ALA A 339 25.38 14.62 -14.33
C ALA A 339 26.48 15.15 -13.40
N HIS A 340 27.62 15.60 -13.98
CA HIS A 340 28.73 16.15 -13.21
C HIS A 340 28.49 17.62 -12.84
N LYS A 341 27.46 18.26 -13.44
CA LYS A 341 27.09 19.66 -13.19
C LYS A 341 26.11 19.80 -12.02
N LEU A 342 25.24 18.81 -11.80
CA LEU A 342 24.31 18.88 -10.67
C LEU A 342 24.94 18.44 -9.34
N ALA A 343 24.26 18.77 -8.25
CA ALA A 343 24.67 18.38 -6.90
C ALA A 343 23.84 17.16 -6.51
N VAL A 344 24.49 16.19 -5.88
CA VAL A 344 23.85 14.95 -5.40
C VAL A 344 24.20 14.82 -3.93
N SER A 345 23.24 14.49 -3.08
CA SER A 345 23.58 14.27 -1.67
C SER A 345 22.70 13.25 -1.03
N SER A 346 23.25 12.51 -0.06
CA SER A 346 22.49 11.53 0.72
C SER A 346 22.45 11.95 2.17
N THR A 347 21.23 12.29 2.64
CA THR A 347 21.00 12.68 4.03
C THR A 347 21.00 11.47 4.98
N LYS A 348 21.02 10.23 4.41
CA LYS A 348 21.10 8.95 5.13
C LYS A 348 22.44 8.82 5.84
N SER A 349 23.46 9.55 5.36
CA SER A 349 24.78 9.68 5.98
C SER A 349 24.60 10.24 7.44
N MET A 350 23.51 10.97 7.68
CA MET A 350 23.18 11.59 8.99
C MET A 350 21.97 10.96 9.68
N THR A 351 20.90 10.71 8.94
CA THR A 351 19.65 10.17 9.52
C THR A 351 19.63 8.66 9.62
N GLY A 352 20.51 7.99 8.87
CA GLY A 352 20.43 6.55 8.72
C GLY A 352 19.31 6.27 7.72
N HIS A 353 19.01 4.99 7.49
CA HIS A 353 17.98 4.58 6.55
C HIS A 353 16.66 4.35 7.26
N LEU A 354 15.67 5.24 6.98
CA LEU A 354 14.35 5.20 7.61
C LEU A 354 13.36 4.28 6.95
N LEU A 355 13.83 3.50 5.95
CA LEU A 355 13.05 2.50 5.23
C LEU A 355 11.79 3.12 4.61
N GLY A 356 10.61 2.74 5.09
CA GLY A 356 9.34 3.27 4.61
C GLY A 356 9.18 4.77 4.86
N ALA A 357 9.83 5.29 5.91
CA ALA A 357 9.77 6.72 6.21
C ALA A 357 10.84 7.53 5.45
N ALA A 358 11.85 6.86 4.85
CA ALA A 358 12.94 7.56 4.14
C ALA A 358 12.43 8.59 3.12
N GLY A 359 11.48 8.18 2.27
CA GLY A 359 10.91 9.04 1.23
C GLY A 359 10.18 10.26 1.75
N GLY A 360 9.56 10.12 2.94
CA GLY A 360 8.85 11.20 3.60
C GLY A 360 9.80 12.27 4.10
N ILE A 361 10.82 11.85 4.86
CA ILE A 361 11.86 12.73 5.42
C ILE A 361 12.67 13.40 4.29
N GLU A 362 13.03 12.62 3.27
CA GLU A 362 13.78 13.13 2.13
C GLU A 362 12.99 14.08 1.25
N ALA A 363 11.64 13.91 1.20
CA ALA A 363 10.79 14.87 0.47
C ALA A 363 10.83 16.20 1.23
N ILE A 364 10.77 16.17 2.58
CA ILE A 364 10.84 17.36 3.45
C ILE A 364 12.17 18.11 3.20
N PHE A 365 13.31 17.40 3.24
CA PHE A 365 14.63 17.98 3.01
C PHE A 365 14.73 18.58 1.60
N SER A 366 14.11 17.92 0.60
CA SER A 366 14.10 18.38 -0.79
C SER A 366 13.32 19.67 -0.93
N ILE A 367 12.14 19.75 -0.30
CA ILE A 367 11.26 20.92 -0.29
C ILE A 367 11.97 22.07 0.45
N LEU A 368 12.59 21.78 1.61
CA LEU A 368 13.32 22.79 2.38
C LEU A 368 14.56 23.27 1.67
N ALA A 369 15.20 22.39 0.87
CA ALA A 369 16.38 22.76 0.08
C ALA A 369 15.99 23.90 -0.88
N ILE A 370 14.82 23.78 -1.55
CA ILE A 370 14.29 24.79 -2.47
C ILE A 370 13.91 26.08 -1.73
N LYS A 371 13.13 25.95 -0.64
CA LYS A 371 12.66 27.11 0.11
C LYS A 371 13.79 27.93 0.71
N GLU A 372 14.76 27.27 1.33
CA GLU A 372 15.89 27.90 2.01
C GLU A 372 17.07 28.21 1.09
N GLY A 373 17.17 27.51 -0.03
CA GLY A 373 18.28 27.68 -0.96
C GLY A 373 19.57 27.13 -0.38
N VAL A 374 19.47 25.96 0.29
CA VAL A 374 20.60 25.29 0.96
C VAL A 374 20.58 23.80 0.61
N ILE A 375 21.71 23.27 0.14
CA ILE A 375 21.81 21.84 -0.17
C ILE A 375 22.43 21.12 1.06
N PRO A 376 21.74 20.14 1.69
CA PRO A 376 22.37 19.43 2.82
C PRO A 376 23.52 18.53 2.33
N PRO A 377 24.58 18.32 3.13
CA PRO A 377 25.72 17.53 2.64
C PRO A 377 25.60 16.02 2.81
N THR A 378 26.58 15.28 2.22
CA THR A 378 26.76 13.87 2.49
C THR A 378 27.99 13.88 3.41
N ILE A 379 27.81 13.43 4.65
CA ILE A 379 28.92 13.37 5.60
C ILE A 379 29.60 11.99 5.51
N ASN A 380 30.78 11.85 6.16
CA ASN A 380 31.52 10.60 6.29
C ASN A 380 32.25 10.06 5.05
N ILE A 381 32.29 10.81 3.93
CA ILE A 381 33.05 10.35 2.75
C ILE A 381 34.54 10.65 2.99
N GLN A 382 35.31 9.61 3.30
CA GLN A 382 36.75 9.72 3.57
C GLN A 382 37.60 9.09 2.47
N THR A 383 37.11 7.98 1.87
CA THR A 383 37.80 7.26 0.79
C THR A 383 36.93 7.32 -0.48
N PRO A 384 37.31 8.16 -1.48
CA PRO A 384 36.51 8.25 -2.71
C PRO A 384 36.56 6.96 -3.53
N ASP A 385 35.40 6.57 -4.05
CA ASP A 385 35.26 5.38 -4.89
C ASP A 385 35.27 5.84 -6.34
N GLU A 386 36.17 5.27 -7.17
CA GLU A 386 36.30 5.62 -8.59
C GLU A 386 34.98 5.42 -9.37
N GLU A 387 34.13 4.46 -8.92
CA GLU A 387 32.84 4.18 -9.54
C GLU A 387 31.77 5.20 -9.10
N CYS A 388 31.98 5.88 -7.96
CA CYS A 388 31.09 6.90 -7.40
C CYS A 388 31.84 8.24 -7.44
N ASP A 389 31.90 8.82 -8.65
CA ASP A 389 32.67 10.04 -8.94
C ASP A 389 31.89 11.33 -9.19
N LEU A 390 30.61 11.38 -8.79
CA LEU A 390 29.79 12.59 -8.93
C LEU A 390 30.07 13.57 -7.78
N ASP A 391 29.42 14.75 -7.80
CA ASP A 391 29.54 15.77 -6.75
C ASP A 391 28.53 15.46 -5.63
N TYR A 392 28.99 14.79 -4.55
CA TYR A 392 28.13 14.39 -3.44
C TYR A 392 27.95 15.42 -2.33
N VAL A 393 28.31 16.70 -2.59
CA VAL A 393 28.27 17.81 -1.62
C VAL A 393 28.96 17.30 -0.32
N PRO A 394 30.22 16.82 -0.39
CA PRO A 394 30.84 16.25 0.82
C PRO A 394 31.01 17.22 2.00
N ASP A 395 30.72 16.70 3.20
CA ASP A 395 30.96 17.32 4.52
C ASP A 395 30.22 18.57 4.90
N GLU A 396 30.10 19.53 3.98
CA GLU A 396 29.54 20.84 4.29
C GLU A 396 28.38 21.23 3.38
N ALA A 397 27.33 21.83 3.97
CA ALA A 397 26.14 22.31 3.23
C ALA A 397 26.53 23.39 2.24
N ARG A 398 25.80 23.47 1.15
CA ARG A 398 26.08 24.42 0.07
C ARG A 398 24.92 25.38 -0.11
N ARG A 399 25.18 26.68 -0.04
CA ARG A 399 24.17 27.70 -0.27
C ARG A 399 24.04 27.84 -1.79
N GLN A 400 22.81 27.64 -2.33
CA GLN A 400 22.55 27.69 -3.78
C GLN A 400 21.08 27.90 -4.05
N GLU A 401 20.75 28.75 -5.04
CA GLU A 401 19.36 28.96 -5.44
C GLU A 401 18.94 27.75 -6.26
N LEU A 402 17.91 27.04 -5.81
CA LEU A 402 17.44 25.84 -6.51
C LEU A 402 16.07 26.07 -7.13
N ASN A 403 15.91 25.62 -8.37
CA ASN A 403 14.64 25.71 -9.08
C ASN A 403 13.91 24.38 -9.06
N TYR A 404 14.66 23.27 -9.22
CA TYR A 404 14.12 21.92 -9.28
C TYR A 404 14.96 20.94 -8.47
N VAL A 405 14.30 20.13 -7.66
CA VAL A 405 14.95 19.10 -6.86
C VAL A 405 14.27 17.75 -7.13
N LEU A 406 15.09 16.72 -7.33
CA LEU A 406 14.64 15.36 -7.59
C LEU A 406 14.98 14.51 -6.37
N SER A 407 14.00 13.72 -5.90
CA SER A 407 14.17 12.78 -4.78
C SER A 407 13.98 11.35 -5.32
N ASN A 408 14.94 10.46 -5.06
CA ASN A 408 14.95 9.06 -5.50
C ASN A 408 14.78 8.09 -4.38
N SER A 409 14.09 7.00 -4.68
CA SER A 409 13.84 5.90 -3.76
C SER A 409 13.81 4.62 -4.56
N LEU A 410 14.15 3.54 -3.91
CA LEU A 410 14.08 2.20 -4.46
C LEU A 410 13.82 1.23 -3.31
N GLY A 411 13.30 0.07 -3.62
CA GLY A 411 13.03 -0.92 -2.59
C GLY A 411 13.18 -2.33 -3.11
N PHE A 412 13.17 -3.30 -2.18
CA PHE A 412 13.19 -4.73 -2.49
C PHE A 412 11.99 -5.00 -3.39
N GLY A 413 12.13 -5.95 -4.31
CA GLY A 413 11.09 -6.26 -5.28
C GLY A 413 11.22 -5.43 -6.53
N GLY A 414 12.33 -4.69 -6.65
CA GLY A 414 12.65 -3.86 -7.79
C GLY A 414 11.84 -2.59 -7.96
N HIS A 415 11.26 -2.05 -6.88
CA HIS A 415 10.47 -0.81 -6.96
C HIS A 415 11.43 0.36 -7.12
N ASN A 416 11.09 1.31 -8.02
CA ASN A 416 11.83 2.56 -8.22
C ASN A 416 10.81 3.66 -8.23
N ALA A 417 11.07 4.71 -7.45
CA ALA A 417 10.15 5.84 -7.31
C ALA A 417 10.93 7.15 -7.28
N THR A 418 10.41 8.14 -8.00
CA THR A 418 11.04 9.44 -8.12
C THR A 418 9.99 10.53 -8.00
N LEU A 419 10.35 11.60 -7.30
CA LEU A 419 9.55 12.81 -7.14
C LEU A 419 10.34 14.00 -7.56
N ILE A 420 9.66 14.99 -8.16
CA ILE A 420 10.25 16.25 -8.55
C ILE A 420 9.49 17.39 -7.90
N PHE A 421 10.23 18.25 -7.21
CA PHE A 421 9.73 19.43 -6.53
C PHE A 421 10.23 20.63 -7.26
N LYS A 422 9.42 21.70 -7.29
CA LYS A 422 9.75 22.95 -7.96
C LYS A 422 9.53 24.14 -7.04
N LYS A 423 10.38 25.16 -7.19
CA LYS A 423 10.24 26.44 -6.51
C LYS A 423 8.89 27.04 -6.94
N TYR A 424 8.07 27.45 -5.96
CA TYR A 424 6.77 28.01 -6.29
C TYR A 424 6.88 29.40 -6.87
N GLN A 425 6.32 29.56 -8.08
CA GLN A 425 6.23 30.81 -8.83
C GLN A 425 4.76 30.90 -9.30
N SER A 426 4.11 32.05 -9.02
CA SER A 426 2.70 32.33 -9.36
C SER A 426 2.37 32.08 -10.83
N ILE B 12 -2.66 23.09 -18.49
CA ILE B 12 -2.37 21.67 -18.68
C ILE B 12 -3.62 20.82 -18.39
N GLN B 13 -3.96 19.90 -19.31
CA GLN B 13 -5.12 19.02 -19.14
C GLN B 13 -4.76 17.56 -18.86
N MET B 14 -5.66 16.90 -18.11
CA MET B 14 -5.56 15.49 -17.74
C MET B 14 -5.81 14.64 -18.97
N THR B 15 -5.12 13.50 -19.07
CA THR B 15 -5.40 12.50 -20.10
C THR B 15 -6.54 11.65 -19.46
N LYS B 16 -7.52 11.21 -20.25
CA LYS B 16 -8.59 10.36 -19.74
C LYS B 16 -8.89 9.23 -20.71
N LYS B 17 -8.11 8.16 -20.59
CA LYS B 17 -8.20 6.95 -21.39
C LYS B 17 -9.29 6.04 -20.86
N ARG B 18 -9.92 5.26 -21.77
CA ARG B 18 -10.93 4.25 -21.43
C ARG B 18 -10.15 3.01 -21.02
N VAL B 19 -10.59 2.35 -19.94
CA VAL B 19 -9.89 1.21 -19.33
C VAL B 19 -10.78 -0.03 -19.35
N VAL B 20 -10.32 -1.08 -20.00
CA VAL B 20 -11.06 -2.33 -20.14
C VAL B 20 -10.39 -3.50 -19.42
N VAL B 21 -11.20 -4.52 -19.08
CA VAL B 21 -10.70 -5.73 -18.44
C VAL B 21 -10.47 -6.75 -19.55
N THR B 22 -9.20 -7.20 -19.72
CA THR B 22 -8.82 -8.09 -20.81
C THR B 22 -8.36 -9.49 -20.37
N GLY B 23 -8.23 -9.72 -19.06
CA GLY B 23 -7.81 -11.00 -18.52
C GLY B 23 -8.17 -11.16 -17.06
N LEU B 24 -8.42 -12.40 -16.64
CA LEU B 24 -8.79 -12.74 -15.26
C LEU B 24 -8.01 -13.96 -14.82
N GLY B 25 -7.57 -13.96 -13.57
CA GLY B 25 -6.84 -15.07 -12.97
C GLY B 25 -7.20 -15.18 -11.51
N ALA B 26 -7.43 -16.40 -11.00
CA ALA B 26 -7.84 -16.54 -9.60
C ALA B 26 -7.58 -17.85 -8.96
N LEU B 27 -7.34 -17.82 -7.64
CA LEU B 27 -7.25 -18.98 -6.75
C LEU B 27 -8.22 -18.64 -5.63
N SER B 28 -9.22 -19.50 -5.41
CA SER B 28 -10.19 -19.22 -4.35
C SER B 28 -10.66 -20.52 -3.69
N PRO B 29 -11.32 -20.45 -2.51
CA PRO B 29 -11.88 -21.69 -1.92
C PRO B 29 -12.91 -22.41 -2.81
N LEU B 30 -13.32 -21.78 -3.94
CA LEU B 30 -14.28 -22.31 -4.91
C LEU B 30 -13.63 -22.90 -6.16
N GLY B 31 -12.31 -22.80 -6.27
CA GLY B 31 -11.59 -23.35 -7.40
C GLY B 31 -10.23 -22.74 -7.62
N ASN B 32 -9.33 -23.51 -8.24
CA ASN B 32 -7.96 -23.09 -8.54
C ASN B 32 -7.79 -22.37 -9.89
N ASP B 33 -8.90 -21.86 -10.43
CA ASP B 33 -8.98 -21.04 -11.64
C ASP B 33 -10.29 -20.28 -11.65
N VAL B 34 -10.43 -19.29 -12.55
CA VAL B 34 -11.62 -18.45 -12.71
C VAL B 34 -12.87 -19.27 -13.09
N ASP B 35 -12.74 -20.16 -14.09
CA ASP B 35 -13.86 -20.99 -14.56
C ASP B 35 -14.50 -21.81 -13.44
N THR B 36 -13.67 -22.52 -12.65
CA THR B 36 -14.14 -23.36 -11.54
C THR B 36 -14.78 -22.52 -10.45
N SER B 37 -14.13 -21.39 -10.07
CA SER B 37 -14.61 -20.45 -9.05
C SER B 37 -15.95 -19.86 -9.44
N TRP B 38 -16.07 -19.35 -10.69
CA TRP B 38 -17.28 -18.74 -11.22
C TRP B 38 -18.42 -19.74 -11.30
N ASN B 39 -18.16 -20.94 -11.86
CA ASN B 39 -19.19 -21.97 -11.99
C ASN B 39 -19.71 -22.47 -10.66
N ASN B 40 -18.81 -22.63 -9.67
CA ASN B 40 -19.21 -23.01 -8.31
C ASN B 40 -20.02 -21.91 -7.63
N ALA B 41 -19.61 -20.63 -7.81
CA ALA B 41 -20.30 -19.46 -7.24
C ALA B 41 -21.73 -19.33 -7.79
N ILE B 42 -21.91 -19.48 -9.12
CA ILE B 42 -23.25 -19.38 -9.71
C ILE B 42 -24.16 -20.57 -9.40
N ASN B 43 -23.57 -21.70 -8.96
CA ASN B 43 -24.32 -22.88 -8.56
C ASN B 43 -24.55 -22.96 -7.04
N GLY B 44 -24.19 -21.88 -6.33
CA GLY B 44 -24.35 -21.76 -4.88
C GLY B 44 -23.54 -22.77 -4.06
N VAL B 45 -22.35 -23.15 -4.55
CA VAL B 45 -21.47 -24.11 -3.90
C VAL B 45 -20.66 -23.43 -2.81
N SER B 46 -20.63 -24.00 -1.59
CA SER B 46 -19.87 -23.46 -0.47
C SER B 46 -18.42 -23.98 -0.47
N GLY B 47 -17.47 -23.08 -0.20
CA GLY B 47 -16.06 -23.42 -0.09
C GLY B 47 -15.64 -23.53 1.37
N ILE B 48 -16.64 -23.45 2.28
CA ILE B 48 -16.45 -23.50 3.72
C ILE B 48 -16.52 -24.91 4.29
N GLY B 49 -15.52 -25.24 5.10
CA GLY B 49 -15.40 -26.53 5.78
C GLY B 49 -14.61 -26.44 7.07
N PRO B 50 -14.33 -27.58 7.75
CA PRO B 50 -13.52 -27.50 8.98
C PRO B 50 -12.07 -27.06 8.70
N ILE B 51 -11.45 -26.34 9.65
CA ILE B 51 -10.08 -25.84 9.56
C ILE B 51 -9.09 -27.02 9.51
N THR B 52 -8.19 -27.03 8.52
CA THR B 52 -7.16 -28.05 8.40
C THR B 52 -5.77 -27.39 8.41
N ARG B 53 -5.69 -26.11 8.02
CA ARG B 53 -4.45 -25.34 7.94
C ARG B 53 -3.73 -25.18 9.28
N VAL B 54 -4.47 -24.88 10.35
CA VAL B 54 -3.97 -24.73 11.72
C VAL B 54 -4.76 -25.68 12.66
N ASP B 55 -4.30 -25.82 13.92
CA ASP B 55 -4.98 -26.65 14.92
C ASP B 55 -6.19 -25.89 15.47
N ALA B 56 -7.39 -26.27 14.99
CA ALA B 56 -8.68 -25.67 15.34
C ALA B 56 -9.09 -25.79 16.82
N GLU B 57 -8.49 -26.75 17.57
CA GLU B 57 -8.77 -26.99 19.00
C GLU B 57 -8.46 -25.77 19.88
N GLU B 58 -7.39 -25.03 19.55
CA GLU B 58 -6.92 -23.84 20.27
C GLU B 58 -7.84 -22.61 20.16
N TYR B 59 -8.55 -22.45 19.01
CA TYR B 59 -9.40 -21.29 18.72
C TYR B 59 -10.89 -21.55 18.82
N PRO B 60 -11.73 -20.52 19.17
CA PRO B 60 -13.18 -20.75 19.22
C PRO B 60 -13.76 -20.99 17.82
N ALA B 61 -13.13 -20.40 16.78
CA ALA B 61 -13.50 -20.58 15.37
C ALA B 61 -13.17 -22.00 14.94
N LYS B 62 -14.13 -22.71 14.32
CA LYS B 62 -13.94 -24.10 13.91
C LYS B 62 -13.97 -24.34 12.38
N VAL B 63 -14.35 -23.32 11.59
CA VAL B 63 -14.46 -23.41 10.13
C VAL B 63 -13.65 -22.33 9.41
N ALA B 64 -13.26 -22.61 8.15
CA ALA B 64 -12.55 -21.68 7.27
C ALA B 64 -12.81 -22.05 5.82
N ALA B 65 -12.48 -21.15 4.90
CA ALA B 65 -12.62 -21.40 3.47
C ALA B 65 -11.19 -21.50 2.90
N GLU B 66 -10.72 -22.72 2.71
CA GLU B 66 -9.37 -23.01 2.23
C GLU B 66 -9.35 -23.34 0.76
N LEU B 67 -8.17 -23.17 0.13
CA LEU B 67 -7.95 -23.62 -1.25
C LEU B 67 -8.06 -25.14 -1.23
N LYS B 68 -8.69 -25.73 -2.26
CA LYS B 68 -8.85 -27.18 -2.34
C LYS B 68 -7.85 -27.75 -3.32
N ASP B 69 -7.03 -28.72 -2.86
CA ASP B 69 -6.01 -29.41 -3.65
C ASP B 69 -5.07 -28.49 -4.45
N PHE B 70 -4.54 -27.44 -3.78
CA PHE B 70 -3.60 -26.52 -4.40
C PHE B 70 -2.19 -27.02 -4.12
N ASN B 71 -1.46 -27.33 -5.18
CA ASN B 71 -0.09 -27.79 -5.05
C ASN B 71 0.75 -26.83 -5.85
N VAL B 72 1.52 -25.97 -5.14
CA VAL B 72 2.38 -24.95 -5.75
C VAL B 72 3.37 -25.51 -6.77
N GLU B 73 3.85 -26.75 -6.54
CA GLU B 73 4.78 -27.46 -7.42
C GLU B 73 4.20 -27.80 -8.80
N ASP B 74 2.86 -27.65 -8.98
CA ASP B 74 2.23 -27.85 -10.28
C ASP B 74 2.46 -26.62 -11.16
N TYR B 75 2.89 -25.50 -10.52
CA TYR B 75 3.07 -24.21 -11.17
C TYR B 75 4.51 -23.72 -11.24
N MET B 76 5.39 -24.24 -10.38
CA MET B 76 6.79 -23.79 -10.31
C MET B 76 7.65 -24.83 -9.63
N ASP B 77 8.96 -24.63 -9.65
CA ASP B 77 9.88 -25.55 -8.97
C ASP B 77 9.79 -25.36 -7.45
N LYS B 78 10.05 -26.44 -6.71
CA LYS B 78 10.09 -26.52 -5.24
C LYS B 78 11.02 -25.44 -4.67
N LYS B 79 12.18 -25.20 -5.34
CA LYS B 79 13.17 -24.20 -4.95
C LYS B 79 12.64 -22.80 -5.06
N GLU B 80 11.85 -22.50 -6.12
CA GLU B 80 11.22 -21.20 -6.32
C GLU B 80 10.11 -21.00 -5.28
N ALA B 81 9.30 -22.05 -5.04
CA ALA B 81 8.18 -22.02 -4.09
C ALA B 81 8.65 -21.78 -2.64
N ARG B 82 9.83 -22.34 -2.29
CA ARG B 82 10.48 -22.28 -0.97
C ARG B 82 10.86 -20.84 -0.61
N LYS B 83 11.03 -19.98 -1.63
CA LYS B 83 11.38 -18.57 -1.40
C LYS B 83 10.18 -17.66 -1.52
N MET B 84 8.99 -18.24 -1.46
CA MET B 84 7.74 -17.48 -1.52
C MET B 84 6.82 -17.87 -0.38
N ASP B 85 6.24 -16.88 0.31
CA ASP B 85 5.20 -17.14 1.31
C ASP B 85 3.95 -17.51 0.49
N ARG B 86 2.98 -18.21 1.10
CA ARG B 86 1.73 -18.59 0.43
C ARG B 86 1.06 -17.39 -0.26
N PHE B 87 1.09 -16.17 0.37
CA PHE B 87 0.45 -14.99 -0.23
C PHE B 87 1.08 -14.62 -1.56
N THR B 88 2.40 -14.82 -1.70
CA THR B 88 3.14 -14.53 -2.92
C THR B 88 2.90 -15.64 -3.95
N GLN B 89 2.90 -16.91 -3.51
CA GLN B 89 2.61 -18.05 -4.36
C GLN B 89 1.29 -17.85 -5.06
N TYR B 90 0.23 -17.46 -4.30
CA TYR B 90 -1.12 -17.24 -4.84
C TYR B 90 -1.15 -16.12 -5.87
N ALA B 91 -0.47 -15.00 -5.56
CA ALA B 91 -0.42 -13.82 -6.42
C ALA B 91 0.25 -14.12 -7.76
N VAL B 92 1.41 -14.80 -7.72
CA VAL B 92 2.18 -15.17 -8.92
C VAL B 92 1.37 -16.12 -9.81
N VAL B 93 0.77 -17.17 -9.21
CA VAL B 93 -0.04 -18.16 -9.94
C VAL B 93 -1.26 -17.49 -10.60
N ALA B 94 -2.00 -16.65 -9.84
CA ALA B 94 -3.18 -15.95 -10.37
C ALA B 94 -2.81 -14.90 -11.43
N ALA B 95 -1.67 -14.18 -11.26
CA ALA B 95 -1.23 -13.18 -12.23
C ALA B 95 -0.79 -13.81 -13.55
N LYS B 96 -0.08 -14.94 -13.49
CA LYS B 96 0.32 -15.70 -14.70
C LYS B 96 -0.92 -16.22 -15.43
N MET B 97 -1.97 -16.63 -14.66
CA MET B 97 -3.26 -17.12 -15.16
CA MET B 97 -3.23 -17.11 -15.23
C MET B 97 -3.97 -15.98 -15.91
N ALA B 98 -3.97 -14.77 -15.31
CA ALA B 98 -4.61 -13.58 -15.87
C ALA B 98 -3.96 -13.12 -17.17
N VAL B 99 -2.62 -13.13 -17.23
CA VAL B 99 -1.84 -12.74 -18.41
C VAL B 99 -2.03 -13.77 -19.54
N GLU B 100 -2.00 -15.07 -19.19
CA GLU B 100 -2.23 -16.17 -20.13
C GLU B 100 -3.65 -16.02 -20.71
N ASP B 101 -4.66 -15.74 -19.85
CA ASP B 101 -6.06 -15.53 -20.28
C ASP B 101 -6.17 -14.31 -21.20
N ALA B 102 -5.44 -13.22 -20.88
CA ALA B 102 -5.42 -11.99 -21.69
C ALA B 102 -4.73 -12.20 -23.04
N ASP B 103 -3.95 -13.29 -23.17
CA ASP B 103 -3.12 -13.63 -24.34
C ASP B 103 -2.15 -12.47 -24.64
N LEU B 104 -1.61 -11.88 -23.57
CA LEU B 104 -0.69 -10.75 -23.65
C LEU B 104 0.77 -11.20 -23.73
N ASN B 105 1.46 -10.78 -24.79
CA ASN B 105 2.88 -11.07 -24.98
C ASN B 105 3.68 -9.85 -24.51
N ILE B 106 4.24 -9.93 -23.29
CA ILE B 106 5.03 -8.84 -22.74
C ILE B 106 6.45 -8.88 -23.32
N THR B 107 6.64 -8.18 -24.42
CA THR B 107 7.93 -8.10 -25.11
C THR B 107 8.78 -7.01 -24.47
N ASP B 108 10.06 -6.88 -24.89
CA ASP B 108 10.97 -5.82 -24.42
C ASP B 108 10.40 -4.45 -24.78
N GLU B 109 9.72 -4.36 -25.94
CA GLU B 109 9.10 -3.14 -26.46
C GLU B 109 7.99 -2.60 -25.53
N ILE B 110 7.03 -3.45 -25.15
CA ILE B 110 5.90 -3.04 -24.31
C ILE B 110 6.13 -3.16 -22.80
N ALA B 111 7.21 -3.86 -22.36
CA ALA B 111 7.52 -4.06 -20.92
C ALA B 111 7.48 -2.78 -20.07
N PRO B 112 8.00 -1.59 -20.50
CA PRO B 112 7.90 -0.39 -19.62
C PRO B 112 6.49 0.20 -19.50
N ARG B 113 5.55 -0.33 -20.31
CA ARG B 113 4.15 0.12 -20.35
C ARG B 113 3.21 -0.89 -19.67
N VAL B 114 3.79 -1.96 -19.13
CA VAL B 114 3.05 -3.00 -18.44
C VAL B 114 3.49 -2.97 -16.97
N GLY B 115 2.58 -2.57 -16.12
CA GLY B 115 2.85 -2.46 -14.69
C GLY B 115 2.09 -3.45 -13.85
N VAL B 116 2.33 -3.40 -12.54
CA VAL B 116 1.74 -4.32 -11.56
C VAL B 116 1.33 -3.52 -10.33
N TRP B 117 0.08 -3.70 -9.87
CA TRP B 117 -0.41 -3.03 -8.67
C TRP B 117 -1.24 -4.03 -7.90
N VAL B 118 -0.59 -4.84 -7.08
CA VAL B 118 -1.26 -5.90 -6.33
C VAL B 118 -1.07 -5.64 -4.83
N GLY B 119 -2.16 -5.73 -4.08
CA GLY B 119 -2.07 -5.54 -2.64
C GLY B 119 -2.25 -6.82 -1.85
N SER B 120 -1.88 -6.75 -0.58
CA SER B 120 -2.08 -7.81 0.41
C SER B 120 -2.34 -7.11 1.75
N GLY B 121 -3.34 -7.57 2.49
CA GLY B 121 -3.68 -7.00 3.79
C GLY B 121 -2.59 -7.13 4.83
N ILE B 122 -1.88 -8.28 4.82
CA ILE B 122 -0.83 -8.53 5.81
C ILE B 122 0.47 -9.11 5.25
N GLY B 123 0.46 -9.59 4.01
CA GLY B 123 1.67 -10.18 3.44
C GLY B 123 2.03 -11.51 4.07
N GLY B 124 3.33 -11.68 4.30
CA GLY B 124 3.90 -12.95 4.76
C GLY B 124 3.85 -13.23 6.24
N LEU B 125 2.62 -13.27 6.81
CA LEU B 125 2.41 -13.53 8.24
C LEU B 125 2.91 -14.90 8.68
N GLU B 126 2.64 -15.95 7.90
CA GLU B 126 3.12 -17.30 8.21
C GLU B 126 4.65 -17.32 8.27
N THR B 127 5.33 -16.67 7.29
CA THR B 127 6.80 -16.59 7.25
C THR B 127 7.30 -15.90 8.51
N LEU B 128 6.68 -14.78 8.86
CA LEU B 128 7.06 -14.00 10.02
C LEU B 128 6.95 -14.86 11.32
N GLU B 129 5.84 -15.58 11.48
CA GLU B 129 5.60 -16.44 12.64
C GLU B 129 6.66 -17.52 12.75
N SER B 130 6.93 -18.25 11.63
CA SER B 130 7.93 -19.32 11.58
C SER B 130 9.32 -18.79 11.85
N GLN B 131 9.67 -17.66 11.22
CA GLN B 131 11.00 -17.05 11.39
C GLN B 131 11.24 -16.47 12.78
N PHE B 132 10.20 -15.88 13.42
CA PHE B 132 10.33 -15.35 14.78
C PHE B 132 10.44 -16.47 15.80
N GLU B 133 9.72 -17.59 15.54
CA GLU B 133 9.78 -18.78 16.38
C GLU B 133 11.21 -19.37 16.30
N ILE B 134 11.84 -19.31 15.10
CA ILE B 134 13.24 -19.74 14.88
C ILE B 134 14.18 -18.80 15.65
N PHE B 135 13.95 -17.49 15.58
CA PHE B 135 14.74 -16.50 16.30
C PHE B 135 14.75 -16.79 17.82
N LEU B 136 13.57 -17.02 18.43
CA LEU B 136 13.40 -17.25 19.87
C LEU B 136 14.04 -18.54 20.38
N THR B 137 13.94 -19.64 19.59
CA THR B 137 14.43 -20.97 19.98
C THR B 137 15.85 -21.29 19.49
N LYS B 138 16.26 -20.74 18.32
CA LYS B 138 17.56 -21.03 17.72
C LYS B 138 18.55 -19.86 17.68
N GLY B 139 18.07 -18.64 17.94
CA GLY B 139 18.91 -17.45 17.91
C GLY B 139 18.85 -16.72 16.58
N PRO B 140 19.28 -15.42 16.56
CA PRO B 140 19.19 -14.63 15.32
C PRO B 140 19.99 -15.10 14.11
N ARG B 141 21.11 -15.82 14.31
CA ARG B 141 21.94 -16.29 13.19
C ARG B 141 21.30 -17.37 12.34
N ARG B 142 20.26 -18.04 12.90
CA ARG B 142 19.52 -19.09 12.20
CA ARG B 142 19.50 -19.09 12.22
C ARG B 142 18.30 -18.54 11.43
N VAL B 143 18.08 -17.22 11.49
N VAL B 143 18.08 -17.22 11.49
CA VAL B 143 17.00 -16.54 10.75
CA VAL B 143 17.00 -16.54 10.75
C VAL B 143 17.37 -16.61 9.26
C VAL B 143 17.38 -16.62 9.25
N SER B 144 16.37 -16.86 8.39
CA SER B 144 16.57 -16.99 6.95
C SER B 144 17.07 -15.71 6.30
N PRO B 145 18.08 -15.79 5.39
CA PRO B 145 18.51 -14.57 4.66
C PRO B 145 17.38 -13.99 3.80
N PHE B 146 16.30 -14.76 3.55
CA PHE B 146 15.16 -14.33 2.73
C PHE B 146 13.90 -13.97 3.53
N PHE B 147 13.99 -13.99 4.88
CA PHE B 147 12.85 -13.62 5.71
C PHE B 147 12.24 -12.23 5.35
N VAL B 148 13.07 -11.17 5.28
CA VAL B 148 12.56 -9.83 5.00
C VAL B 148 11.82 -9.75 3.65
N PRO B 149 12.45 -10.09 2.48
CA PRO B 149 11.70 -9.99 1.22
C PRO B 149 10.49 -10.92 1.16
N MET B 150 10.54 -12.13 1.77
CA MET B 150 9.40 -13.05 1.78
C MET B 150 8.18 -12.50 2.53
N MET B 151 8.41 -11.74 3.60
CA MET B 151 7.36 -11.21 4.46
C MET B 151 6.65 -9.96 3.94
N ILE B 152 7.40 -9.02 3.38
CA ILE B 152 6.85 -7.73 2.94
C ILE B 152 5.65 -7.84 1.98
N PRO B 153 4.52 -7.15 2.27
CA PRO B 153 3.33 -7.27 1.39
C PRO B 153 3.56 -6.97 -0.09
N ASP B 154 4.49 -6.05 -0.39
CA ASP B 154 4.81 -5.65 -1.77
C ASP B 154 5.59 -6.71 -2.57
N MET B 155 5.99 -7.81 -1.91
CA MET B 155 6.70 -8.88 -2.58
C MET B 155 5.80 -9.65 -3.57
N ALA B 156 4.47 -9.56 -3.42
CA ALA B 156 3.54 -10.18 -4.38
C ALA B 156 3.71 -9.41 -5.71
N THR B 157 3.67 -8.06 -5.67
CA THR B 157 3.91 -7.21 -6.84
C THR B 157 5.33 -7.45 -7.37
N GLY B 158 6.32 -7.49 -6.48
CA GLY B 158 7.72 -7.71 -6.86
C GLY B 158 7.90 -9.01 -7.62
N GLN B 159 7.40 -10.12 -7.05
CA GLN B 159 7.51 -11.45 -7.69
C GLN B 159 6.72 -11.58 -8.97
N ILE B 160 5.53 -10.94 -9.04
CA ILE B 160 4.71 -10.92 -10.25
C ILE B 160 5.47 -10.19 -11.36
N SER B 161 6.05 -9.02 -11.07
CA SER B 161 6.77 -8.25 -12.08
C SER B 161 7.97 -9.01 -12.64
N ILE B 162 8.72 -9.73 -11.76
CA ILE B 162 9.84 -10.58 -12.18
C ILE B 162 9.31 -11.72 -13.08
N ALA B 163 8.27 -12.44 -12.62
CA ALA B 163 7.70 -13.56 -13.37
C ALA B 163 7.18 -13.13 -14.76
N LEU B 164 6.63 -11.92 -14.86
CA LEU B 164 6.04 -11.43 -16.11
C LEU B 164 6.96 -10.63 -17.02
N GLY B 165 7.98 -9.99 -16.45
CA GLY B 165 8.85 -9.08 -17.20
C GLY B 165 8.19 -7.71 -17.29
N ALA B 166 7.25 -7.40 -16.37
CA ALA B 166 6.52 -6.13 -16.35
C ALA B 166 7.37 -5.02 -15.69
N LYS B 167 7.75 -4.00 -16.49
CA LYS B 167 8.65 -2.93 -16.06
C LYS B 167 8.01 -1.56 -15.83
N GLY B 168 6.70 -1.48 -15.94
CA GLY B 168 5.98 -0.22 -15.74
C GLY B 168 5.67 0.11 -14.30
N VAL B 169 4.65 0.98 -14.09
CA VAL B 169 4.19 1.42 -12.76
C VAL B 169 4.07 0.22 -11.83
N ASN B 170 4.76 0.28 -10.70
CA ASN B 170 4.89 -0.85 -9.82
C ASN B 170 4.56 -0.41 -8.39
N SER B 171 3.44 -0.91 -7.83
CA SER B 171 3.05 -0.53 -6.49
C SER B 171 2.27 -1.60 -5.75
N CYS B 172 1.90 -1.30 -4.51
CA CYS B 172 1.16 -2.20 -3.64
C CYS B 172 0.38 -1.35 -2.63
N THR B 173 -0.94 -1.51 -2.61
CA THR B 173 -1.83 -0.81 -1.67
C THR B 173 -2.16 -1.81 -0.56
N VAL B 174 -2.08 -1.36 0.71
CA VAL B 174 -2.42 -2.18 1.87
C VAL B 174 -3.45 -1.38 2.66
N THR B 175 -4.74 -1.77 2.57
CA THR B 175 -5.85 -1.06 3.23
C THR B 175 -6.82 -2.06 3.84
N ALA B 176 -6.29 -3.04 4.59
CA ALA B 176 -7.08 -4.07 5.29
C ALA B 176 -8.02 -4.79 4.31
N CYS B 177 -9.32 -4.95 4.61
CA CYS B 177 -10.25 -5.63 3.71
C CYS B 177 -10.65 -4.84 2.44
N ALA B 178 -10.23 -3.56 2.34
CA ALA B 178 -10.47 -2.75 1.14
C ALA B 178 -9.31 -2.88 0.14
N THR B 179 -8.24 -3.63 0.51
CA THR B 179 -7.00 -3.79 -0.27
C THR B 179 -7.16 -4.06 -1.79
N GLY B 180 -7.89 -5.13 -2.13
CA GLY B 180 -8.09 -5.55 -3.51
C GLY B 180 -8.81 -4.53 -4.35
N THR B 181 -9.83 -3.89 -3.78
CA THR B 181 -10.66 -2.85 -4.39
C THR B 181 -9.82 -1.57 -4.66
N ASN B 182 -9.06 -1.11 -3.65
CA ASN B 182 -8.19 0.05 -3.80
C ASN B 182 -7.08 -0.21 -4.82
N SER B 183 -6.43 -1.40 -4.78
CA SER B 183 -5.35 -1.73 -5.72
C SER B 183 -5.85 -1.63 -7.16
N ILE B 184 -7.01 -2.22 -7.44
CA ILE B 184 -7.64 -2.18 -8.77
C ILE B 184 -7.99 -0.74 -9.18
N GLY B 185 -8.58 0.02 -8.25
CA GLY B 185 -8.94 1.42 -8.47
C GLY B 185 -7.72 2.26 -8.78
N ASP B 186 -6.63 2.07 -8.01
CA ASP B 186 -5.37 2.77 -8.21
C ASP B 186 -4.74 2.45 -9.58
N ALA B 187 -4.76 1.16 -10.00
CA ALA B 187 -4.25 0.73 -11.31
C ALA B 187 -5.12 1.33 -12.44
N PHE B 188 -6.46 1.36 -12.23
CA PHE B 188 -7.40 1.98 -13.17
C PHE B 188 -7.01 3.46 -13.37
N LYS B 189 -6.73 4.20 -12.28
CA LYS B 189 -6.30 5.60 -12.37
C LYS B 189 -4.97 5.78 -13.12
N VAL B 190 -4.03 4.86 -12.94
CA VAL B 190 -2.73 4.86 -13.66
C VAL B 190 -2.96 4.83 -15.18
N ILE B 191 -3.82 3.91 -15.65
CA ILE B 191 -4.11 3.76 -17.07
C ILE B 191 -4.91 4.95 -17.61
N GLN B 192 -5.93 5.40 -16.85
CA GLN B 192 -6.77 6.55 -17.19
C GLN B 192 -5.91 7.82 -17.47
N ARG B 193 -4.88 8.08 -16.65
CA ARG B 193 -4.00 9.25 -16.83
C ARG B 193 -2.88 9.01 -17.87
N GLY B 194 -2.84 7.82 -18.46
CA GLY B 194 -1.90 7.46 -19.52
C GLY B 194 -0.51 7.03 -19.06
N ASP B 195 -0.37 6.64 -17.77
CA ASP B 195 0.94 6.26 -17.21
C ASP B 195 1.34 4.79 -17.40
N ALA B 196 0.42 3.98 -17.94
CA ALA B 196 0.65 2.58 -18.28
C ALA B 196 -0.38 2.19 -19.30
N ASP B 197 -0.05 1.21 -20.17
CA ASP B 197 -1.01 0.71 -21.15
C ASP B 197 -1.70 -0.52 -20.60
N VAL B 198 -1.00 -1.26 -19.73
CA VAL B 198 -1.51 -2.46 -19.09
C VAL B 198 -1.13 -2.43 -17.61
N MET B 199 -2.07 -2.87 -16.73
CA MET B 199 -1.81 -3.05 -15.29
C MET B 199 -2.35 -4.40 -14.86
N VAL B 200 -1.50 -5.21 -14.24
CA VAL B 200 -1.84 -6.52 -13.67
C VAL B 200 -2.15 -6.16 -12.20
N THR B 201 -3.42 -6.32 -11.79
CA THR B 201 -3.85 -5.77 -10.50
C THR B 201 -4.85 -6.64 -9.74
N GLY B 202 -4.91 -6.42 -8.43
CA GLY B 202 -5.83 -7.14 -7.57
C GLY B 202 -5.30 -7.28 -6.17
N GLY B 203 -5.72 -8.34 -5.51
CA GLY B 203 -5.32 -8.60 -4.14
C GLY B 203 -5.00 -10.05 -3.91
N THR B 204 -4.21 -10.31 -2.88
CA THR B 204 -3.82 -11.65 -2.50
C THR B 204 -3.78 -11.76 -0.99
N GLU B 205 -4.09 -12.92 -0.46
CA GLU B 205 -4.03 -13.12 0.99
C GLU B 205 -3.88 -14.59 1.36
N ALA B 206 -3.02 -14.85 2.36
CA ALA B 206 -2.86 -16.18 2.94
C ALA B 206 -2.97 -15.94 4.46
N PRO B 207 -4.20 -15.66 4.97
CA PRO B 207 -4.34 -15.29 6.38
C PRO B 207 -4.68 -16.42 7.33
N LEU B 208 -4.71 -17.67 6.85
CA LEU B 208 -5.02 -18.83 7.67
C LEU B 208 -3.77 -19.23 8.45
N THR B 209 -3.46 -18.43 9.48
CA THR B 209 -2.26 -18.59 10.32
C THR B 209 -2.66 -18.54 11.81
N ARG B 210 -1.71 -18.91 12.69
CA ARG B 210 -1.88 -18.92 14.13
C ARG B 210 -2.24 -17.55 14.69
N MET B 211 -1.45 -16.51 14.34
CA MET B 211 -1.70 -15.15 14.83
C MET B 211 -2.95 -14.52 14.28
N SER B 212 -3.30 -14.84 13.02
CA SER B 212 -4.52 -14.30 12.41
C SER B 212 -5.75 -14.91 13.08
N PHE B 213 -5.76 -16.25 13.32
CA PHE B 213 -6.88 -16.88 14.02
C PHE B 213 -6.95 -16.39 15.45
N ALA B 214 -5.78 -16.21 16.13
CA ALA B 214 -5.71 -15.69 17.49
C ALA B 214 -6.18 -14.23 17.55
N GLY B 215 -5.74 -13.42 16.58
CA GLY B 215 -6.10 -12.00 16.49
C GLY B 215 -7.56 -11.75 16.19
N PHE B 216 -8.13 -12.47 15.20
CA PHE B 216 -9.54 -12.31 14.85
C PHE B 216 -10.51 -12.98 15.87
N SER B 217 -9.99 -13.90 16.73
CA SER B 217 -10.76 -14.52 17.80
C SER B 217 -10.79 -13.57 19.00
N ALA B 218 -9.63 -12.92 19.27
CA ALA B 218 -9.47 -11.94 20.35
C ALA B 218 -10.42 -10.74 20.20
N ASN B 219 -10.60 -10.24 18.96
CA ASN B 219 -11.52 -9.12 18.70
C ASN B 219 -12.97 -9.57 18.37
N LYS B 220 -13.24 -10.88 18.49
CA LYS B 220 -14.55 -11.51 18.25
C LYS B 220 -15.14 -11.23 16.85
N ALA B 221 -14.27 -11.08 15.83
CA ALA B 221 -14.68 -10.83 14.44
C ALA B 221 -15.13 -12.12 13.75
N LEU B 222 -14.56 -13.27 14.18
CA LEU B 222 -14.82 -14.58 13.61
C LEU B 222 -16.06 -15.27 14.16
N SER B 223 -16.81 -15.96 13.26
CA SER B 223 -17.96 -16.77 13.61
C SER B 223 -17.46 -17.98 14.41
N THR B 224 -18.12 -18.30 15.52
CA THR B 224 -17.75 -19.45 16.34
C THR B 224 -18.68 -20.63 16.05
N ASN B 225 -19.52 -20.48 14.99
CA ASN B 225 -20.46 -21.50 14.54
C ASN B 225 -19.65 -22.72 14.03
N PRO B 226 -19.80 -23.91 14.68
CA PRO B 226 -19.02 -25.08 14.21
C PRO B 226 -19.58 -25.75 12.96
N ASP B 227 -20.81 -25.40 12.55
CA ASP B 227 -21.48 -25.97 11.38
C ASP B 227 -21.03 -25.24 10.11
N PRO B 228 -20.30 -25.90 9.17
CA PRO B 228 -19.90 -25.20 7.93
C PRO B 228 -21.07 -24.88 6.99
N LYS B 229 -22.24 -25.51 7.22
CA LYS B 229 -23.44 -25.31 6.40
C LYS B 229 -24.13 -23.95 6.66
N THR B 230 -23.98 -23.39 7.89
CA THR B 230 -24.63 -22.13 8.28
C THR B 230 -23.68 -21.05 8.81
N ALA B 231 -22.37 -21.34 8.91
CA ALA B 231 -21.38 -20.40 9.47
C ALA B 231 -21.35 -19.03 8.78
N SER B 232 -21.18 -18.99 7.44
CA SER B 232 -21.19 -17.73 6.70
C SER B 232 -22.58 -17.51 6.11
N ARG B 233 -23.32 -16.55 6.68
CA ARG B 233 -24.70 -16.26 6.28
C ARG B 233 -24.94 -14.75 6.26
N PRO B 234 -24.36 -14.02 5.26
CA PRO B 234 -24.52 -12.56 5.23
C PRO B 234 -25.99 -12.15 5.17
N PHE B 235 -26.34 -11.10 5.93
CA PHE B 235 -27.69 -10.51 6.00
C PHE B 235 -28.72 -11.32 6.80
N ASP B 236 -28.37 -12.57 7.21
CA ASP B 236 -29.23 -13.44 8.01
C ASP B 236 -29.30 -12.91 9.44
N LYS B 237 -30.47 -13.04 10.10
CA LYS B 237 -30.70 -12.59 11.48
C LYS B 237 -29.69 -13.21 12.48
N ASN B 238 -29.27 -14.46 12.21
CA ASN B 238 -28.38 -15.24 13.06
C ASN B 238 -26.89 -15.17 12.73
N ARG B 239 -26.49 -14.25 11.83
CA ARG B 239 -25.08 -14.02 11.47
C ARG B 239 -24.30 -13.66 12.75
N ASP B 240 -23.09 -14.20 12.92
CA ASP B 240 -22.31 -14.00 14.14
C ASP B 240 -20.81 -13.83 13.92
N GLY B 241 -20.45 -13.25 12.79
CA GLY B 241 -19.04 -13.03 12.44
C GLY B 241 -18.64 -13.67 11.14
N PHE B 242 -17.51 -13.24 10.57
CA PHE B 242 -17.08 -13.79 9.29
C PHE B 242 -16.36 -15.12 9.39
N VAL B 243 -16.27 -15.81 8.25
CA VAL B 243 -15.55 -17.05 8.07
C VAL B 243 -14.35 -16.67 7.20
N MET B 244 -13.13 -16.89 7.71
CA MET B 244 -11.89 -16.53 7.04
C MET B 244 -11.55 -17.43 5.85
N GLY B 245 -11.20 -16.80 4.74
CA GLY B 245 -10.80 -17.45 3.50
C GLY B 245 -9.39 -17.06 3.07
N GLU B 246 -8.92 -17.58 1.92
CA GLU B 246 -7.58 -17.28 1.40
C GLU B 246 -7.62 -17.35 -0.14
N GLY B 247 -6.63 -16.77 -0.79
CA GLY B 247 -6.55 -16.81 -2.24
C GLY B 247 -6.07 -15.52 -2.86
N ALA B 248 -6.32 -15.37 -4.16
CA ALA B 248 -5.93 -14.20 -4.94
C ALA B 248 -6.85 -14.01 -6.12
N GLY B 249 -7.17 -12.77 -6.39
CA GLY B 249 -7.99 -12.38 -7.52
C GLY B 249 -7.22 -11.32 -8.27
N ILE B 250 -6.76 -11.64 -9.49
CA ILE B 250 -5.94 -10.76 -10.32
C ILE B 250 -6.60 -10.53 -11.66
N ILE B 251 -6.62 -9.27 -12.10
CA ILE B 251 -7.20 -8.90 -13.39
C ILE B 251 -6.19 -8.12 -14.21
N VAL B 252 -6.33 -8.17 -15.54
CA VAL B 252 -5.48 -7.42 -16.43
C VAL B 252 -6.33 -6.22 -16.88
N LEU B 253 -5.91 -5.00 -16.53
CA LEU B 253 -6.58 -3.78 -16.98
C LEU B 253 -5.78 -3.29 -18.15
N GLU B 254 -6.45 -2.73 -19.16
CA GLU B 254 -5.76 -2.32 -20.37
C GLU B 254 -6.39 -1.09 -20.99
N GLU B 255 -5.55 -0.17 -21.53
CA GLU B 255 -6.03 0.99 -22.24
C GLU B 255 -6.77 0.47 -23.50
N LEU B 256 -7.99 0.97 -23.75
CA LEU B 256 -8.87 0.51 -24.82
C LEU B 256 -8.26 0.38 -26.21
N GLU B 257 -7.64 1.46 -26.73
CA GLU B 257 -7.05 1.43 -28.07
C GLU B 257 -5.94 0.37 -28.17
N HIS B 258 -5.15 0.19 -27.09
CA HIS B 258 -4.09 -0.82 -27.02
C HIS B 258 -4.71 -2.23 -27.12
N ALA B 259 -5.83 -2.46 -26.39
CA ALA B 259 -6.58 -3.73 -26.38
C ALA B 259 -7.17 -4.04 -27.75
N LEU B 260 -7.80 -3.03 -28.38
CA LEU B 260 -8.41 -3.20 -29.70
C LEU B 260 -7.37 -3.48 -30.78
N ALA B 261 -6.23 -2.75 -30.76
CA ALA B 261 -5.16 -2.92 -31.77
C ALA B 261 -4.55 -4.33 -31.77
N ARG B 262 -4.42 -4.98 -30.60
CA ARG B 262 -3.86 -6.33 -30.49
C ARG B 262 -4.91 -7.46 -30.60
N GLY B 263 -6.18 -7.07 -30.76
CA GLY B 263 -7.29 -8.01 -30.88
C GLY B 263 -7.59 -8.74 -29.58
N ALA B 264 -7.50 -8.02 -28.46
CA ALA B 264 -7.75 -8.57 -27.13
C ALA B 264 -9.23 -8.84 -26.92
N LYS B 265 -9.55 -9.83 -26.08
CA LYS B 265 -10.94 -10.07 -25.71
C LYS B 265 -11.23 -9.11 -24.55
N ILE B 266 -12.44 -8.56 -24.51
CA ILE B 266 -12.83 -7.59 -23.50
C ILE B 266 -14.01 -8.12 -22.69
N TYR B 267 -13.82 -8.26 -21.37
CA TYR B 267 -14.88 -8.73 -20.48
C TYR B 267 -15.86 -7.60 -20.13
N GLY B 268 -15.33 -6.41 -20.01
CA GLY B 268 -16.08 -5.21 -19.66
C GLY B 268 -15.15 -4.04 -19.40
N GLU B 269 -15.73 -2.93 -18.93
CA GLU B 269 -15.00 -1.68 -18.70
C GLU B 269 -15.07 -1.25 -17.22
N ILE B 270 -13.97 -0.70 -16.71
CA ILE B 270 -13.94 -0.11 -15.37
C ILE B 270 -14.18 1.39 -15.57
N VAL B 271 -15.21 1.93 -14.89
CA VAL B 271 -15.64 3.33 -15.09
C VAL B 271 -15.62 4.23 -13.86
N GLY B 272 -15.64 3.64 -12.67
CA GLY B 272 -15.74 4.40 -11.43
C GLY B 272 -14.97 3.82 -10.27
N TYR B 273 -14.46 4.72 -9.43
CA TYR B 273 -13.67 4.41 -8.26
C TYR B 273 -13.88 5.49 -7.22
N GLY B 274 -14.25 5.05 -6.01
CA GLY B 274 -14.48 5.92 -4.86
C GLY B 274 -13.72 5.44 -3.65
N SER B 275 -13.13 6.38 -2.91
CA SER B 275 -12.35 6.11 -1.70
C SER B 275 -12.63 7.18 -0.66
N THR B 276 -13.00 6.75 0.56
CA THR B 276 -13.26 7.67 1.69
C THR B 276 -12.75 7.05 2.98
N GLY B 277 -12.70 7.87 4.02
CA GLY B 277 -12.32 7.48 5.37
C GLY B 277 -13.43 7.85 6.33
N ASP B 278 -13.79 6.95 7.26
CA ASP B 278 -14.81 7.24 8.26
C ASP B 278 -14.30 8.29 9.25
N ALA B 279 -12.96 8.26 9.53
CA ALA B 279 -12.29 9.12 10.53
C ALA B 279 -13.05 8.98 11.88
N TYR B 280 -13.46 7.74 12.19
CA TYR B 280 -14.26 7.45 13.37
C TYR B 280 -13.56 6.57 14.42
N HIS B 281 -13.23 5.32 14.06
CA HIS B 281 -12.70 4.33 14.99
C HIS B 281 -11.77 3.33 14.28
N ILE B 282 -10.79 2.78 15.03
CA ILE B 282 -9.79 1.82 14.51
C ILE B 282 -10.39 0.53 13.94
N THR B 283 -11.53 0.08 14.48
CA THR B 283 -12.15 -1.18 14.04
C THR B 283 -13.66 -1.07 13.80
N ALA B 284 -14.37 -0.22 14.58
CA ALA B 284 -15.82 -0.06 14.43
C ALA B 284 -16.17 0.79 13.20
N PRO B 285 -17.04 0.30 12.27
CA PRO B 285 -17.39 1.15 11.11
C PRO B 285 -18.28 2.29 11.58
N ALA B 286 -18.30 3.40 10.83
CA ALA B 286 -19.13 4.56 11.15
C ALA B 286 -20.61 4.16 11.22
N GLN B 287 -21.36 4.75 12.15
CA GLN B 287 -22.78 4.50 12.31
C GLN B 287 -23.52 4.76 10.98
N ASP B 288 -24.46 3.87 10.64
CA ASP B 288 -25.26 3.93 9.40
C ASP B 288 -24.44 3.72 8.10
N GLY B 289 -23.16 3.40 8.25
CA GLY B 289 -22.21 3.22 7.15
C GLY B 289 -22.09 4.47 6.28
N GLU B 290 -22.10 5.66 6.92
CA GLU B 290 -22.02 6.97 6.26
C GLU B 290 -20.82 7.14 5.31
N GLY B 291 -19.65 6.62 5.70
CA GLY B 291 -18.41 6.69 4.93
C GLY B 291 -18.49 5.84 3.67
N GLY B 292 -19.08 4.65 3.82
CA GLY B 292 -19.32 3.72 2.72
C GLY B 292 -20.30 4.29 1.72
N ALA B 293 -21.32 5.01 2.24
CA ALA B 293 -22.31 5.71 1.41
C ALA B 293 -21.60 6.78 0.57
N ARG B 294 -20.70 7.56 1.20
CA ARG B 294 -19.90 8.58 0.51
C ARG B 294 -18.98 7.97 -0.56
N ALA B 295 -18.33 6.83 -0.27
CA ALA B 295 -17.46 6.16 -1.25
C ALA B 295 -18.24 5.68 -2.48
N MET B 296 -19.47 5.15 -2.26
CA MET B 296 -20.34 4.72 -3.37
C MET B 296 -20.74 5.94 -4.21
N GLN B 297 -21.02 7.07 -3.56
CA GLN B 297 -21.39 8.32 -4.24
C GLN B 297 -20.24 8.87 -5.10
N GLU B 298 -18.99 8.82 -4.57
CA GLU B 298 -17.79 9.24 -5.30
C GLU B 298 -17.58 8.38 -6.56
N ALA B 299 -17.73 7.04 -6.43
CA ALA B 299 -17.59 6.12 -7.56
C ALA B 299 -18.66 6.39 -8.63
N ILE B 300 -19.91 6.65 -8.20
CA ILE B 300 -21.04 6.96 -9.09
C ILE B 300 -20.74 8.26 -9.88
N LYS B 301 -20.26 9.30 -9.19
CA LYS B 301 -19.87 10.59 -9.78
C LYS B 301 -18.69 10.37 -10.76
N ASP B 302 -17.72 9.52 -10.37
CA ASP B 302 -16.57 9.18 -11.21
C ASP B 302 -17.02 8.55 -12.52
N ALA B 303 -18.00 7.62 -12.44
CA ALA B 303 -18.57 6.92 -13.60
C ALA B 303 -19.46 7.82 -14.47
N GLY B 304 -19.89 8.96 -13.92
CA GLY B 304 -20.74 9.93 -14.63
C GLY B 304 -22.13 9.39 -14.90
N ILE B 305 -22.67 8.60 -13.94
CA ILE B 305 -23.99 8.00 -14.06
C ILE B 305 -24.93 8.44 -12.93
N ALA B 306 -26.21 8.09 -13.07
CA ALA B 306 -27.22 8.32 -12.04
C ALA B 306 -27.18 7.04 -11.16
N PRO B 307 -27.45 7.10 -9.83
CA PRO B 307 -27.44 5.86 -9.02
C PRO B 307 -28.41 4.78 -9.53
N GLU B 308 -29.52 5.19 -10.19
CA GLU B 308 -30.55 4.32 -10.75
C GLU B 308 -30.00 3.41 -11.87
N GLU B 309 -28.82 3.74 -12.39
CA GLU B 309 -28.16 2.97 -13.46
C GLU B 309 -27.49 1.69 -12.94
N ILE B 310 -27.24 1.59 -11.62
CA ILE B 310 -26.63 0.40 -11.01
C ILE B 310 -27.69 -0.70 -10.98
N ASP B 311 -27.34 -1.88 -11.52
CA ASP B 311 -28.25 -3.03 -11.59
C ASP B 311 -27.97 -4.01 -10.47
N TYR B 312 -26.68 -4.19 -10.15
CA TYR B 312 -26.26 -5.16 -9.15
C TYR B 312 -25.14 -4.65 -8.28
N ILE B 313 -25.24 -4.90 -6.96
CA ILE B 313 -24.22 -4.58 -5.98
C ILE B 313 -23.61 -5.89 -5.44
N ASN B 314 -22.30 -6.09 -5.65
CA ASN B 314 -21.59 -7.21 -5.04
C ASN B 314 -21.14 -6.57 -3.69
N ALA B 315 -21.93 -6.84 -2.66
CA ALA B 315 -21.75 -6.27 -1.33
C ALA B 315 -20.53 -6.78 -0.61
N HIS B 316 -20.09 -6.00 0.38
CA HIS B 316 -19.04 -6.35 1.31
C HIS B 316 -19.54 -7.56 2.15
N GLY B 317 -20.84 -7.56 2.50
CA GLY B 317 -21.58 -8.61 3.21
C GLY B 317 -20.74 -9.71 3.83
N THR B 318 -20.12 -9.44 4.98
CA THR B 318 -19.21 -10.36 5.65
C THR B 318 -19.82 -11.37 6.61
N SER B 319 -21.12 -11.26 6.90
CA SER B 319 -21.86 -12.10 7.86
C SER B 319 -21.56 -11.69 9.31
N THR B 320 -21.31 -10.39 9.51
CA THR B 320 -21.05 -9.77 10.81
C THR B 320 -22.26 -8.89 11.09
N TYR B 321 -22.64 -8.72 12.38
CA TYR B 321 -23.81 -7.93 12.76
C TYR B 321 -23.83 -6.49 12.22
N TYR B 322 -22.88 -5.65 12.68
CA TYR B 322 -22.81 -4.24 12.28
C TYR B 322 -22.63 -3.98 10.81
N ASN B 323 -21.61 -4.58 10.20
CA ASN B 323 -21.28 -4.36 8.79
C ASN B 323 -22.45 -4.57 7.83
N ASP B 324 -23.12 -5.74 7.90
CA ASP B 324 -24.27 -6.07 7.05
C ASP B 324 -25.45 -5.11 7.26
N LYS B 325 -25.72 -4.74 8.52
CA LYS B 325 -26.76 -3.78 8.89
C LYS B 325 -26.40 -2.38 8.30
N TYR B 326 -25.15 -1.91 8.53
CA TYR B 326 -24.68 -0.60 8.02
C TYR B 326 -24.61 -0.52 6.51
N GLU B 327 -24.16 -1.61 5.85
CA GLU B 327 -24.09 -1.67 4.39
C GLU B 327 -25.48 -1.55 3.78
N THR B 328 -26.49 -2.19 4.40
CA THR B 328 -27.90 -2.13 3.98
C THR B 328 -28.35 -0.66 4.07
N MET B 329 -28.07 0.00 5.20
CA MET B 329 -28.40 1.42 5.47
C MET B 329 -27.72 2.33 4.46
N ALA B 330 -26.44 2.07 4.13
CA ALA B 330 -25.66 2.87 3.19
C ALA B 330 -26.24 2.76 1.76
N ILE B 331 -26.67 1.56 1.36
CA ILE B 331 -27.29 1.32 0.04
C ILE B 331 -28.60 2.15 -0.08
N LYS B 332 -29.41 2.15 0.99
CA LYS B 332 -30.65 2.91 1.05
C LYS B 332 -30.39 4.43 0.94
N THR B 333 -29.34 4.93 1.62
CA THR B 333 -28.94 6.35 1.58
C THR B 333 -28.57 6.76 0.14
N VAL B 334 -27.71 5.97 -0.52
CA VAL B 334 -27.20 6.24 -1.86
C VAL B 334 -28.27 6.15 -2.95
N PHE B 335 -29.04 5.04 -2.94
CA PHE B 335 -30.00 4.67 -3.96
C PHE B 335 -31.47 5.07 -3.76
N GLY B 336 -31.85 5.41 -2.53
CA GLY B 336 -33.21 5.81 -2.18
C GLY B 336 -34.26 4.80 -2.58
N GLU B 337 -35.21 5.22 -3.44
CA GLU B 337 -36.29 4.37 -3.94
C GLU B 337 -35.78 3.24 -4.87
N HIS B 338 -34.57 3.40 -5.45
CA HIS B 338 -33.95 2.41 -6.32
C HIS B 338 -33.29 1.26 -5.53
N ALA B 339 -33.06 1.44 -4.21
CA ALA B 339 -32.43 0.45 -3.32
C ALA B 339 -33.15 -0.90 -3.31
N HIS B 340 -34.50 -0.89 -3.27
CA HIS B 340 -35.30 -2.11 -3.28
C HIS B 340 -35.48 -2.66 -4.70
N LYS B 341 -35.11 -1.87 -5.73
CA LYS B 341 -35.20 -2.25 -7.16
C LYS B 341 -33.95 -2.99 -7.64
N LEU B 342 -32.76 -2.67 -7.10
CA LEU B 342 -31.54 -3.37 -7.50
C LEU B 342 -31.35 -4.71 -6.79
N ALA B 343 -30.43 -5.52 -7.32
CA ALA B 343 -30.06 -6.81 -6.74
C ALA B 343 -28.77 -6.60 -5.96
N VAL B 344 -28.69 -7.20 -4.76
CA VAL B 344 -27.53 -7.14 -3.87
C VAL B 344 -27.14 -8.57 -3.57
N SER B 345 -25.86 -8.92 -3.60
CA SER B 345 -25.48 -10.27 -3.21
C SER B 345 -24.09 -10.31 -2.62
N SER B 346 -23.88 -11.22 -1.66
CA SER B 346 -22.57 -11.42 -1.07
C SER B 346 -22.06 -12.82 -1.41
N THR B 347 -20.98 -12.87 -2.19
CA THR B 347 -20.33 -14.11 -2.58
C THR B 347 -19.51 -14.72 -1.42
N LYS B 348 -19.32 -13.94 -0.32
CA LYS B 348 -18.63 -14.34 0.92
C LYS B 348 -19.42 -15.46 1.63
N SER B 349 -20.73 -15.57 1.34
CA SER B 349 -21.61 -16.66 1.78
C SER B 349 -21.04 -18.00 1.28
N MET B 350 -20.26 -17.98 0.17
CA MET B 350 -19.66 -19.16 -0.46
C MET B 350 -18.13 -19.21 -0.35
N THR B 351 -17.45 -18.08 -0.59
CA THR B 351 -15.98 -18.04 -0.58
C THR B 351 -15.40 -17.78 0.80
N GLY B 352 -16.21 -17.29 1.73
CA GLY B 352 -15.71 -16.82 3.02
C GLY B 352 -15.11 -15.45 2.77
N HIS B 353 -14.50 -14.85 3.81
CA HIS B 353 -13.90 -13.52 3.71
C HIS B 353 -12.40 -13.64 3.43
N LEU B 354 -11.99 -13.26 2.19
CA LEU B 354 -10.61 -13.36 1.71
C LEU B 354 -9.69 -12.18 2.11
N LEU B 355 -10.22 -11.28 2.97
CA LEU B 355 -9.57 -10.09 3.53
C LEU B 355 -8.98 -9.18 2.42
N GLY B 356 -7.65 -9.09 2.29
CA GLY B 356 -7.01 -8.29 1.25
C GLY B 356 -7.28 -8.76 -0.18
N ALA B 357 -7.60 -10.06 -0.36
CA ALA B 357 -7.91 -10.62 -1.67
C ALA B 357 -9.41 -10.52 -1.99
N ALA B 358 -10.27 -10.20 -0.99
CA ALA B 358 -11.73 -10.11 -1.20
C ALA B 358 -12.11 -9.23 -2.41
N GLY B 359 -11.54 -8.03 -2.47
CA GLY B 359 -11.81 -7.07 -3.54
C GLY B 359 -11.40 -7.54 -4.91
N GLY B 360 -10.34 -8.34 -4.99
CA GLY B 360 -9.85 -8.92 -6.25
C GLY B 360 -10.80 -9.97 -6.80
N ILE B 361 -11.20 -10.93 -5.94
CA ILE B 361 -12.13 -12.02 -6.28
C ILE B 361 -13.52 -11.45 -6.61
N GLU B 362 -13.97 -10.48 -5.81
CA GLU B 362 -15.26 -9.85 -6.03
C GLU B 362 -15.32 -8.97 -7.25
N ALA B 363 -14.16 -8.39 -7.67
CA ALA B 363 -14.10 -7.61 -8.91
C ALA B 363 -14.29 -8.59 -10.08
N ILE B 364 -13.65 -9.80 -10.01
CA ILE B 364 -13.77 -10.85 -11.02
C ILE B 364 -15.24 -11.28 -11.17
N PHE B 365 -15.92 -11.59 -10.05
CA PHE B 365 -17.33 -12.00 -10.04
C PHE B 365 -18.22 -10.89 -10.61
N SER B 366 -17.90 -9.62 -10.31
CA SER B 366 -18.65 -8.45 -10.79
C SER B 366 -18.53 -8.32 -12.30
N ILE B 367 -17.30 -8.46 -12.83
CA ILE B 367 -16.97 -8.40 -14.26
C ILE B 367 -17.66 -9.58 -14.98
N LEU B 368 -17.58 -10.79 -14.40
CA LEU B 368 -18.21 -11.98 -14.99
C LEU B 368 -19.72 -11.92 -14.94
N ALA B 369 -20.28 -11.23 -13.91
CA ALA B 369 -21.73 -11.04 -13.81
C ALA B 369 -22.23 -10.27 -15.04
N ILE B 370 -21.49 -9.22 -15.45
CA ILE B 370 -21.81 -8.40 -16.63
C ILE B 370 -21.63 -9.20 -17.92
N LYS B 371 -20.47 -9.86 -18.09
CA LYS B 371 -20.18 -10.62 -19.30
C LYS B 371 -21.15 -11.76 -19.55
N GLU B 372 -21.42 -12.55 -18.51
CA GLU B 372 -22.30 -13.72 -18.57
C GLU B 372 -23.79 -13.42 -18.42
N GLY B 373 -24.11 -12.27 -17.81
CA GLY B 373 -25.49 -11.87 -17.56
C GLY B 373 -26.11 -12.76 -16.49
N VAL B 374 -25.34 -13.07 -15.44
CA VAL B 374 -25.76 -13.94 -14.34
C VAL B 374 -25.36 -13.31 -13.01
N ILE B 375 -26.33 -13.17 -12.10
CA ILE B 375 -26.04 -12.61 -10.77
C ILE B 375 -25.78 -13.79 -9.81
N PRO B 376 -24.59 -13.89 -9.16
CA PRO B 376 -24.37 -14.99 -8.21
C PRO B 376 -25.23 -14.78 -6.94
N PRO B 377 -25.70 -15.86 -6.28
CA PRO B 377 -26.58 -15.65 -5.12
C PRO B 377 -25.87 -15.43 -3.78
N THR B 378 -26.67 -15.10 -2.75
CA THR B 378 -26.22 -15.11 -1.37
C THR B 378 -26.86 -16.40 -0.84
N ILE B 379 -26.03 -17.36 -0.45
CA ILE B 379 -26.55 -18.62 0.09
C ILE B 379 -26.66 -18.51 1.62
N ASN B 380 -27.31 -19.49 2.24
CA ASN B 380 -27.47 -19.63 3.70
C ASN B 380 -28.41 -18.68 4.43
N ILE B 381 -29.18 -17.81 3.71
CA ILE B 381 -30.15 -16.95 4.37
C ILE B 381 -31.40 -17.78 4.71
N GLN B 382 -31.57 -18.13 5.99
CA GLN B 382 -32.71 -18.93 6.47
C GLN B 382 -33.66 -18.11 7.35
N THR B 383 -33.11 -17.16 8.14
CA THR B 383 -33.90 -16.29 9.02
C THR B 383 -33.73 -14.83 8.56
N PRO B 384 -34.76 -14.24 7.92
CA PRO B 384 -34.64 -12.84 7.46
C PRO B 384 -34.58 -11.86 8.62
N ASP B 385 -33.69 -10.86 8.51
CA ASP B 385 -33.51 -9.82 9.50
C ASP B 385 -34.29 -8.61 9.02
N GLU B 386 -35.19 -8.07 9.88
CA GLU B 386 -36.01 -6.89 9.56
C GLU B 386 -35.16 -5.65 9.18
N GLU B 387 -33.93 -5.55 9.72
CA GLU B 387 -33.00 -4.46 9.43
C GLU B 387 -32.29 -4.66 8.09
N CYS B 388 -32.24 -5.93 7.59
CA CYS B 388 -31.61 -6.31 6.32
C CYS B 388 -32.71 -6.82 5.40
N ASP B 389 -33.47 -5.87 4.84
CA ASP B 389 -34.67 -6.14 4.04
C ASP B 389 -34.56 -5.91 2.52
N LEU B 390 -33.34 -5.81 1.98
CA LEU B 390 -33.15 -5.62 0.54
C LEU B 390 -33.23 -6.98 -0.21
N ASP B 391 -33.11 -6.97 -1.55
CA ASP B 391 -33.13 -8.18 -2.38
C ASP B 391 -31.70 -8.76 -2.46
N TYR B 392 -31.42 -9.77 -1.61
CA TYR B 392 -30.07 -10.37 -1.55
C TYR B 392 -29.81 -11.54 -2.50
N VAL B 393 -30.67 -11.69 -3.54
CA VAL B 393 -30.61 -12.80 -4.53
C VAL B 393 -30.47 -14.13 -3.72
N PRO B 394 -31.38 -14.43 -2.77
CA PRO B 394 -31.18 -15.62 -1.95
C PRO B 394 -31.16 -16.96 -2.68
N ASP B 395 -30.26 -17.85 -2.21
CA ASP B 395 -30.11 -19.27 -2.59
C ASP B 395 -29.82 -19.67 -4.04
N GLU B 396 -30.36 -18.93 -5.04
CA GLU B 396 -30.21 -19.28 -6.45
C GLU B 396 -29.80 -18.11 -7.34
N ALA B 397 -28.87 -18.37 -8.29
CA ALA B 397 -28.38 -17.38 -9.25
C ALA B 397 -29.52 -16.85 -10.11
N ARG B 398 -29.39 -15.60 -10.55
CA ARG B 398 -30.42 -14.95 -11.35
C ARG B 398 -29.85 -14.57 -12.71
N ARG B 399 -30.51 -15.02 -13.78
CA ARG B 399 -30.11 -14.67 -15.14
C ARG B 399 -30.70 -13.28 -15.41
N GLN B 400 -29.84 -12.30 -15.76
CA GLN B 400 -30.26 -10.90 -15.98
C GLN B 400 -29.21 -10.15 -16.78
N GLU B 401 -29.65 -9.33 -17.75
CA GLU B 401 -28.74 -8.49 -18.52
C GLU B 401 -28.34 -7.32 -17.61
N LEU B 402 -27.03 -7.18 -17.35
CA LEU B 402 -26.53 -6.13 -16.48
C LEU B 402 -25.73 -5.11 -17.27
N ASN B 403 -25.95 -3.83 -16.99
CA ASN B 403 -25.23 -2.73 -17.63
C ASN B 403 -24.16 -2.18 -16.71
N TYR B 404 -24.47 -2.08 -15.41
CA TYR B 404 -23.56 -1.54 -14.40
C TYR B 404 -23.57 -2.37 -13.13
N VAL B 405 -22.37 -2.70 -12.62
CA VAL B 405 -22.20 -3.45 -11.37
C VAL B 405 -21.27 -2.66 -10.44
N LEU B 406 -21.67 -2.55 -9.17
CA LEU B 406 -20.93 -1.86 -8.13
C LEU B 406 -20.37 -2.91 -7.16
N SER B 407 -19.07 -2.79 -6.81
CA SER B 407 -18.40 -3.66 -5.84
C SER B 407 -17.95 -2.80 -4.63
N ASN B 408 -18.33 -3.21 -3.42
CA ASN B 408 -18.00 -2.52 -2.17
C ASN B 408 -17.02 -3.25 -1.30
N SER B 409 -16.18 -2.46 -0.60
CA SER B 409 -15.20 -2.95 0.35
C SER B 409 -15.04 -1.95 1.45
N LEU B 410 -14.64 -2.42 2.61
CA LEU B 410 -14.31 -1.59 3.76
C LEU B 410 -13.26 -2.31 4.58
N GLY B 411 -12.53 -1.58 5.41
CA GLY B 411 -11.51 -2.18 6.24
C GLY B 411 -11.33 -1.45 7.55
N PHE B 412 -10.58 -2.07 8.48
CA PHE B 412 -10.20 -1.48 9.77
C PHE B 412 -9.49 -0.16 9.45
N GLY B 413 -9.62 0.82 10.33
CA GLY B 413 -9.03 2.13 10.10
C GLY B 413 -9.98 3.03 9.35
N GLY B 414 -11.22 2.58 9.15
CA GLY B 414 -12.28 3.32 8.49
C GLY B 414 -12.17 3.48 6.98
N HIS B 415 -11.43 2.59 6.30
CA HIS B 415 -11.29 2.67 4.84
C HIS B 415 -12.57 2.20 4.17
N ASN B 416 -13.04 2.92 3.14
CA ASN B 416 -14.20 2.55 2.32
C ASN B 416 -13.76 2.69 0.89
N ALA B 417 -14.01 1.64 0.09
CA ALA B 417 -13.61 1.61 -1.32
C ALA B 417 -14.73 1.02 -2.18
N THR B 418 -14.99 1.65 -3.32
CA THR B 418 -16.02 1.24 -4.25
C THR B 418 -15.49 1.28 -5.67
N LEU B 419 -15.86 0.27 -6.47
CA LEU B 419 -15.56 0.17 -7.89
C LEU B 419 -16.84 0.00 -8.66
N ILE B 420 -16.88 0.59 -9.87
CA ILE B 420 -18.01 0.44 -10.79
C ILE B 420 -17.50 -0.11 -12.11
N PHE B 421 -18.12 -1.20 -12.55
CA PHE B 421 -17.85 -1.88 -13.81
C PHE B 421 -19.01 -1.67 -14.73
N LYS B 422 -18.72 -1.58 -16.03
CA LYS B 422 -19.72 -1.36 -17.07
C LYS B 422 -19.58 -2.37 -18.21
N LYS B 423 -20.71 -2.76 -18.79
CA LYS B 423 -20.76 -3.59 -19.98
C LYS B 423 -20.03 -2.84 -21.10
N TYR B 424 -19.09 -3.51 -21.79
CA TYR B 424 -18.37 -2.86 -22.87
C TYR B 424 -19.25 -2.62 -24.09
N GLN B 425 -19.23 -1.38 -24.58
CA GLN B 425 -19.90 -0.89 -25.78
C GLN B 425 -18.84 -0.03 -26.50
N SER B 426 -18.56 -0.36 -27.79
CA SER B 426 -17.57 0.27 -28.68
C SER B 426 -17.38 1.79 -28.57
C1 1XG C . 16.58 -0.85 0.06
N1 1XG C . 16.86 -1.56 -1.04
O1 1XG C . 14.59 -3.55 2.47
C2 1XG C . 16.07 -1.63 1.26
O2 1XG C . 16.75 0.37 0.14
C3 1XG C . 14.57 -1.40 1.49
O3 1XG C . 13.83 -1.70 0.32
C4 1XG C . 14.06 -2.46 2.41
C5 1XG C . 12.83 -2.17 3.22
C6 1XG C . 11.83 -3.31 3.17
C7 1XG C . 11.48 -3.43 4.62
C8 1XG C . 10.81 -2.50 5.28
C9 1XG C . 10.58 -2.72 6.75
C10 1XG C . 10.85 -4.17 7.11
C11 1XG C . 11.52 -4.45 8.22
C12 1XG C . 11.78 -5.89 8.60
NA NA D . 11.84 1.79 15.69
CL CL E . -0.60 0.97 15.70
C1 EDO F . -18.43 23.12 10.82
O1 EDO F . -18.02 23.16 9.44
C2 EDO F . -17.21 23.02 11.80
O2 EDO F . -16.75 21.69 11.98
C1 EDO G . 3.55 7.06 -12.11
O1 EDO G . 2.51 8.02 -12.00
C2 EDO G . 4.41 7.47 -13.32
O2 EDO G . 5.35 6.48 -13.61
NA NA H . 7.61 18.83 12.95
C1 EDO I . -11.45 8.26 -4.75
O1 EDO I . -12.50 9.16 -4.44
C2 EDO I . -11.01 8.34 -6.21
O2 EDO I . -9.61 8.53 -6.21
C1 1XG J . -13.50 -6.11 7.72
N1 1XG J . -13.90 -5.05 8.44
O1 1XG J . -9.70 -6.52 9.38
C2 1XG J . -12.23 -6.78 8.20
O2 1XG J . -14.12 -6.53 6.75
C3 1XG J . -10.99 -6.35 7.41
O3 1XG J . -10.93 -4.93 7.40
C4 1XG J . -9.73 -6.65 8.18
C5 1XG J . -8.50 -7.09 7.41
C6 1XG J . -7.19 -6.67 8.06
C7 1XG J . -6.13 -7.52 7.41
C8 1XG J . -5.85 -8.62 8.06
C9 1XG J . -4.84 -9.64 7.62
C10 1XG J . -4.56 -10.52 8.82
C11 1XG J . -4.07 -9.99 9.94
C12 1XG J . -3.81 -10.85 11.15
NA NA K . -4.02 -4.24 6.23
#